data_1SS3
#
_entry.id   1SS3
#
_entity_poly.entity_id   1
_entity_poly.type   'polypeptide(L)'
_entity_poly.pdbx_seq_one_letter_code
;DEAQFKECYDTCHKECSDKGNGFTFCEMKCDTDCSVKDVKEKLENYKPKN
;
_entity_poly.pdbx_strand_id   A
#
# COMPACT_ATOMS: atom_id res chain seq x y z
N ASP A 1 -0.73 1.13 3.07
CA ASP A 1 -1.35 1.07 1.74
C ASP A 1 -0.31 1.49 0.74
N GLU A 2 -0.71 1.71 -0.51
CA GLU A 2 0.13 2.19 -1.62
C GLU A 2 -0.65 2.11 -2.93
N ALA A 3 -1.60 1.18 -3.03
CA ALA A 3 -2.42 1.00 -4.21
C ALA A 3 -3.29 2.22 -4.50
N GLN A 4 -3.98 2.75 -3.48
CA GLN A 4 -4.75 3.98 -3.61
C GLN A 4 -4.00 5.12 -4.31
N PHE A 5 -2.67 5.18 -4.13
CA PHE A 5 -1.77 6.11 -4.78
C PHE A 5 -1.30 5.53 -6.12
N LYS A 6 -0.92 4.24 -6.22
CA LYS A 6 -0.52 3.59 -7.48
C LYS A 6 -1.60 3.73 -8.55
N GLU A 7 -2.85 3.83 -8.14
CA GLU A 7 -3.95 4.09 -9.03
C GLU A 7 -3.97 5.55 -9.45
N CYS A 8 -3.71 6.47 -8.54
CA CYS A 8 -3.66 7.88 -8.85
C CYS A 8 -2.46 8.17 -9.73
N TYR A 9 -1.29 7.60 -9.47
CA TYR A 9 -0.10 7.77 -10.29
C TYR A 9 -0.29 7.23 -11.71
N ASP A 10 -0.74 5.97 -11.82
CA ASP A 10 -0.99 5.31 -13.10
C ASP A 10 -2.06 6.06 -13.89
N THR A 11 -3.20 6.28 -13.23
CA THR A 11 -4.36 6.97 -13.80
C THR A 11 -4.03 8.41 -14.11
N CYS A 12 -3.36 9.12 -13.21
CA CYS A 12 -2.86 10.47 -13.43
C CYS A 12 -1.99 10.46 -14.68
N HIS A 13 -1.07 9.51 -14.83
CA HIS A 13 -0.24 9.38 -16.02
C HIS A 13 -1.06 9.29 -17.29
N LYS A 14 -2.18 8.57 -17.26
CA LYS A 14 -3.13 8.52 -18.38
C LYS A 14 -3.62 9.90 -18.78
N GLU A 15 -4.27 10.63 -17.88
CA GLU A 15 -4.67 12.03 -18.10
C GLU A 15 -3.45 12.98 -18.20
N CYS A 16 -2.25 12.50 -17.88
CA CYS A 16 -1.05 13.27 -17.90
C CYS A 16 -0.52 13.30 -19.31
N SER A 17 -0.14 12.15 -19.87
CA SER A 17 0.29 12.02 -21.25
C SER A 17 -0.70 12.65 -22.23
N ASP A 18 -1.99 12.73 -21.87
CA ASP A 18 -3.02 13.47 -22.61
C ASP A 18 -2.60 14.92 -22.90
N LYS A 19 -1.90 15.58 -21.98
CA LYS A 19 -1.33 16.90 -22.17
C LYS A 19 -0.37 16.96 -23.34
N GLY A 20 0.05 15.80 -23.85
CA GLY A 20 0.99 15.62 -24.96
C GLY A 20 2.43 15.72 -24.50
N ASN A 21 2.64 15.81 -23.18
CA ASN A 21 3.96 15.81 -22.57
C ASN A 21 4.64 14.44 -22.69
N GLY A 22 5.88 14.38 -22.19
CA GLY A 22 6.63 13.14 -22.13
C GLY A 22 6.26 12.31 -20.92
N PHE A 23 6.51 11.00 -21.02
CA PHE A 23 6.24 10.04 -19.97
C PHE A 23 6.99 10.37 -18.69
N THR A 24 8.32 10.48 -18.78
CA THR A 24 9.21 10.80 -17.66
C THR A 24 8.75 12.03 -16.90
N PHE A 25 8.63 13.16 -17.60
CA PHE A 25 8.15 14.39 -17.01
C PHE A 25 6.76 14.19 -16.41
N CYS A 26 5.92 13.39 -17.06
CA CYS A 26 4.64 13.04 -16.54
C CYS A 26 4.75 12.28 -15.25
N GLU A 27 5.73 11.41 -15.09
CA GLU A 27 6.03 10.67 -13.87
C GLU A 27 6.40 11.60 -12.75
N MET A 28 7.53 12.31 -12.86
CA MET A 28 7.99 13.25 -11.84
C MET A 28 6.92 14.26 -11.42
N LYS A 29 5.97 14.51 -12.33
CA LYS A 29 4.82 15.35 -12.11
C LYS A 29 3.69 14.59 -11.46
N CYS A 30 3.10 13.59 -12.09
CA CYS A 30 2.09 12.68 -11.54
C CYS A 30 2.45 12.18 -10.13
N ASP A 31 3.75 12.10 -9.84
CA ASP A 31 4.29 11.77 -8.53
C ASP A 31 3.87 12.81 -7.51
N THR A 32 4.31 14.04 -7.72
CA THR A 32 3.94 15.16 -6.88
C THR A 32 2.49 15.58 -7.10
N ASP A 33 1.85 15.21 -8.21
CA ASP A 33 0.47 15.54 -8.54
C ASP A 33 -0.45 15.04 -7.44
N CYS A 34 -0.58 13.72 -7.35
CA CYS A 34 -1.44 13.07 -6.40
C CYS A 34 -0.74 13.00 -5.04
N SER A 35 -0.36 14.14 -4.52
CA SER A 35 0.37 14.30 -3.28
C SER A 35 0.57 15.79 -2.99
N VAL A 36 0.58 16.16 -1.72
CA VAL A 36 0.85 17.52 -1.29
C VAL A 36 2.36 17.78 -1.31
N LYS A 37 2.76 18.97 -0.91
CA LYS A 37 4.16 19.38 -0.83
C LYS A 37 4.26 20.76 -0.17
N ASP A 38 5.31 21.50 -0.50
CA ASP A 38 5.57 22.83 0.00
C ASP A 38 6.03 23.72 -1.14
N VAL A 39 5.30 24.80 -1.39
CA VAL A 39 5.58 25.76 -2.44
C VAL A 39 5.05 27.09 -1.93
N LYS A 40 5.90 27.81 -1.17
CA LYS A 40 5.59 29.16 -0.71
C LYS A 40 5.06 30.00 -1.86
N GLU A 41 4.18 30.95 -1.54
CA GLU A 41 3.57 31.81 -2.54
C GLU A 41 4.63 32.53 -3.37
N LYS A 42 4.21 33.12 -4.47
CA LYS A 42 5.10 33.89 -5.33
C LYS A 42 4.77 35.35 -5.10
N LEU A 43 5.41 35.93 -4.08
CA LEU A 43 5.31 37.36 -3.81
C LEU A 43 5.52 38.17 -5.10
N GLU A 44 4.95 39.36 -5.13
CA GLU A 44 5.04 40.22 -6.30
C GLU A 44 4.78 41.66 -5.87
N ASN A 45 4.86 42.57 -6.83
CA ASN A 45 4.65 43.99 -6.67
C ASN A 45 4.98 44.73 -7.95
N TYR A 46 4.49 45.95 -8.04
CA TYR A 46 4.61 46.78 -9.23
C TYR A 46 4.63 48.24 -8.83
N LYS A 47 4.84 49.12 -9.82
CA LYS A 47 4.82 50.56 -9.62
C LYS A 47 3.79 51.20 -10.54
N PRO A 48 2.50 51.10 -10.20
CA PRO A 48 1.45 51.70 -10.99
C PRO A 48 1.61 53.21 -10.91
N LYS A 49 1.46 53.88 -12.06
CA LYS A 49 1.46 55.34 -12.13
C LYS A 49 0.48 55.93 -11.09
N ASN A 50 0.63 57.23 -10.83
CA ASN A 50 -0.28 57.94 -9.93
C ASN A 50 -1.77 57.72 -10.26
N ASP A 1 -0.62 1.10 3.04
CA ASP A 1 -1.24 1.01 1.71
C ASP A 1 -2.72 0.92 1.92
N GLU A 2 -3.40 2.00 2.30
CA GLU A 2 -4.87 1.98 2.45
C GLU A 2 -5.57 1.34 1.24
N ALA A 3 -4.95 1.39 0.06
CA ALA A 3 -5.41 0.70 -1.14
C ALA A 3 -5.65 -0.81 -0.95
N GLN A 4 -4.70 -1.54 -0.34
CA GLN A 4 -4.85 -2.96 0.00
C GLN A 4 -6.20 -3.25 0.70
N PHE A 5 -6.69 -2.28 1.48
CA PHE A 5 -7.93 -2.31 2.22
C PHE A 5 -9.05 -1.71 1.40
N LYS A 6 -8.83 -0.62 0.66
CA LYS A 6 -9.79 0.00 -0.26
C LYS A 6 -10.34 -1.04 -1.23
N GLU A 7 -9.52 -2.01 -1.62
CA GLU A 7 -9.95 -3.13 -2.43
C GLU A 7 -10.81 -4.08 -1.64
N CYS A 8 -10.45 -4.40 -0.41
CA CYS A 8 -11.26 -5.24 0.45
C CYS A 8 -12.58 -4.56 0.76
N TYR A 9 -12.61 -3.29 1.10
CA TYR A 9 -13.81 -2.53 1.38
C TYR A 9 -14.76 -2.46 0.17
N ASP A 10 -14.23 -2.05 -0.98
CA ASP A 10 -14.99 -1.94 -2.23
C ASP A 10 -15.52 -3.32 -2.65
N THR A 11 -14.61 -4.29 -2.72
CA THR A 11 -14.89 -5.67 -3.13
C THR A 11 -15.81 -6.35 -2.12
N CYS A 12 -15.56 -6.16 -0.83
CA CYS A 12 -16.42 -6.63 0.24
C CYS A 12 -17.79 -6.05 0.03
N HIS A 13 -17.92 -4.74 -0.22
CA HIS A 13 -19.21 -4.10 -0.50
C HIS A 13 -19.97 -4.78 -1.63
N LYS A 14 -19.28 -5.24 -2.66
CA LYS A 14 -19.85 -6.05 -3.74
C LYS A 14 -20.55 -7.30 -3.21
N GLU A 15 -19.79 -8.22 -2.59
CA GLU A 15 -20.34 -9.41 -1.93
C GLU A 15 -21.20 -9.06 -0.68
N CYS A 16 -21.19 -7.79 -0.26
CA CYS A 16 -21.93 -7.32 0.87
C CYS A 16 -23.35 -6.96 0.44
N SER A 17 -23.50 -6.02 -0.49
CA SER A 17 -24.78 -5.65 -1.10
C SER A 17 -25.52 -6.86 -1.67
N ASP A 18 -24.79 -7.94 -2.03
CA ASP A 18 -25.36 -9.24 -2.39
C ASP A 18 -26.34 -9.76 -1.33
N LYS A 19 -26.05 -9.51 -0.05
CA LYS A 19 -26.96 -9.86 1.04
C LYS A 19 -28.32 -9.18 0.94
N GLY A 20 -28.45 -8.21 0.03
CA GLY A 20 -29.64 -7.42 -0.25
C GLY A 20 -29.81 -6.28 0.76
N ASN A 21 -28.81 -6.06 1.61
CA ASN A 21 -28.76 -4.97 2.55
C ASN A 21 -28.49 -3.62 1.85
N GLY A 22 -28.49 -2.56 2.65
CA GLY A 22 -28.19 -1.23 2.17
C GLY A 22 -26.70 -0.97 2.16
N PHE A 23 -26.26 -0.13 1.21
CA PHE A 23 -24.87 0.28 1.08
C PHE A 23 -24.29 0.81 2.39
N THR A 24 -25.05 1.63 3.11
CA THR A 24 -24.63 2.30 4.35
C THR A 24 -24.27 1.28 5.41
N PHE A 25 -25.23 0.44 5.78
CA PHE A 25 -25.01 -0.64 6.71
C PHE A 25 -23.88 -1.54 6.23
N CYS A 26 -23.82 -1.80 4.92
CA CYS A 26 -22.74 -2.55 4.33
C CYS A 26 -21.42 -1.84 4.49
N GLU A 27 -21.37 -0.53 4.46
CA GLU A 27 -20.17 0.26 4.64
C GLU A 27 -19.64 0.07 6.05
N MET A 28 -20.41 0.47 7.08
CA MET A 28 -20.00 0.32 8.48
C MET A 28 -19.67 -1.14 8.84
N LYS A 29 -20.18 -2.09 8.05
CA LYS A 29 -19.92 -3.51 8.20
C LYS A 29 -18.66 -3.92 7.45
N CYS A 30 -18.61 -3.79 6.12
CA CYS A 30 -17.44 -4.00 5.26
C CYS A 30 -16.18 -3.34 5.80
N ASP A 31 -16.35 -2.24 6.54
CA ASP A 31 -15.31 -1.58 7.29
C ASP A 31 -14.70 -2.54 8.30
N THR A 32 -15.50 -2.95 9.29
CA THR A 32 -15.10 -3.90 10.32
C THR A 32 -14.98 -5.34 9.78
N ASP A 33 -15.53 -5.65 8.61
CA ASP A 33 -15.48 -6.94 7.95
C ASP A 33 -14.03 -7.32 7.70
N CYS A 34 -13.40 -6.63 6.74
CA CYS A 34 -12.01 -6.89 6.45
C CYS A 34 -11.14 -6.38 7.60
N SER A 35 -11.66 -5.45 8.42
CA SER A 35 -10.96 -4.86 9.55
C SER A 35 -11.51 -5.42 10.88
N VAL A 36 -11.22 -6.68 11.17
CA VAL A 36 -11.68 -7.36 12.36
C VAL A 36 -10.94 -6.81 13.58
N LYS A 37 -11.21 -7.35 14.75
CA LYS A 37 -10.58 -6.95 16.00
C LYS A 37 -10.23 -8.17 16.83
N ASP A 38 -8.95 -8.29 17.19
CA ASP A 38 -8.46 -9.34 18.06
C ASP A 38 -9.13 -9.22 19.42
N VAL A 39 -9.51 -10.36 19.98
CA VAL A 39 -10.14 -10.47 21.29
C VAL A 39 -9.45 -11.65 21.97
N LYS A 40 -8.17 -11.46 22.31
CA LYS A 40 -7.44 -12.45 23.10
C LYS A 40 -8.27 -12.90 24.29
N GLU A 41 -8.21 -14.21 24.56
CA GLU A 41 -8.96 -14.82 25.64
C GLU A 41 -8.68 -14.13 26.97
N LYS A 42 -9.56 -14.35 27.94
CA LYS A 42 -9.39 -13.77 29.25
C LYS A 42 -8.40 -14.64 30.02
N LEU A 43 -7.10 -14.35 29.86
CA LEU A 43 -6.04 -15.01 30.61
C LEU A 43 -6.35 -15.01 32.11
N GLU A 44 -5.73 -15.93 32.83
CA GLU A 44 -5.94 -16.12 34.25
C GLU A 44 -4.65 -15.85 35.00
N ASN A 45 -4.81 -15.65 36.30
CA ASN A 45 -3.72 -15.42 37.22
C ASN A 45 -3.87 -16.31 38.45
N TYR A 46 -2.80 -16.37 39.24
CA TYR A 46 -2.76 -17.15 40.46
C TYR A 46 -2.24 -16.29 41.61
N LYS A 47 -2.49 -16.76 42.83
CA LYS A 47 -1.98 -16.09 44.03
C LYS A 47 -1.76 -17.10 45.16
N PRO A 48 -0.63 -17.81 45.14
CA PRO A 48 -0.31 -18.79 46.17
C PRO A 48 -0.09 -18.07 47.50
N LYS A 49 -0.62 -18.66 48.58
CA LYS A 49 -0.50 -18.12 49.94
C LYS A 49 0.96 -17.76 50.27
N ASN A 50 1.80 -18.80 50.37
CA ASN A 50 3.25 -18.73 50.56
C ASN A 50 3.95 -19.67 49.57
N ASP A 1 -0.70 1.15 3.04
CA ASP A 1 -1.32 1.07 1.70
C ASP A 1 -0.27 0.53 0.76
N GLU A 2 -0.47 -0.66 0.22
CA GLU A 2 0.46 -1.20 -0.78
C GLU A 2 0.56 -0.29 -2.00
N ALA A 3 -0.50 0.46 -2.32
CA ALA A 3 -0.50 1.40 -3.43
C ALA A 3 0.63 2.43 -3.33
N GLN A 4 0.79 3.05 -2.16
CA GLN A 4 1.90 3.98 -1.88
C GLN A 4 3.26 3.44 -2.34
N PHE A 5 3.44 2.13 -2.30
CA PHE A 5 4.63 1.42 -2.76
C PHE A 5 4.46 1.05 -4.24
N LYS A 6 3.28 0.56 -4.66
CA LYS A 6 3.00 0.21 -6.07
C LYS A 6 3.21 1.40 -6.98
N GLU A 7 2.99 2.60 -6.47
CA GLU A 7 3.29 3.84 -7.17
C GLU A 7 4.77 4.14 -7.18
N CYS A 8 5.47 3.86 -6.08
CA CYS A 8 6.91 4.03 -6.08
C CYS A 8 7.59 3.03 -6.99
N TYR A 9 7.19 1.77 -6.95
CA TYR A 9 7.73 0.73 -7.80
C TYR A 9 7.50 1.02 -9.28
N ASP A 10 6.25 1.29 -9.66
CA ASP A 10 5.86 1.61 -11.03
C ASP A 10 6.59 2.86 -11.53
N THR A 11 6.47 3.93 -10.75
CA THR A 11 7.08 5.23 -11.04
C THR A 11 8.59 5.13 -11.03
N CYS A 12 9.15 4.46 -10.01
CA CYS A 12 10.59 4.20 -9.94
C CYS A 12 11.02 3.49 -11.21
N HIS A 13 10.29 2.44 -11.62
CA HIS A 13 10.56 1.72 -12.86
C HIS A 13 10.65 2.64 -14.06
N LYS A 14 9.78 3.65 -14.14
CA LYS A 14 9.86 4.69 -15.17
C LYS A 14 11.26 5.31 -15.23
N GLU A 15 11.66 6.04 -14.19
CA GLU A 15 13.01 6.62 -14.09
C GLU A 15 14.11 5.54 -14.02
N CYS A 16 13.71 4.27 -13.85
CA CYS A 16 14.63 3.15 -13.79
C CYS A 16 14.96 2.68 -15.20
N SER A 17 13.96 2.24 -15.96
CA SER A 17 14.08 1.86 -17.38
C SER A 17 14.77 2.94 -18.20
N ASP A 18 14.71 4.21 -17.75
CA ASP A 18 15.45 5.33 -18.33
C ASP A 18 16.94 5.01 -18.44
N LYS A 19 17.47 4.20 -17.49
CA LYS A 19 18.86 3.76 -17.53
C LYS A 19 19.18 2.94 -18.78
N GLY A 20 18.13 2.56 -19.52
CA GLY A 20 18.19 1.77 -20.74
C GLY A 20 18.31 0.28 -20.43
N ASN A 21 18.17 -0.09 -19.16
CA ASN A 21 18.17 -1.47 -18.72
C ASN A 21 16.84 -2.16 -19.03
N GLY A 22 16.77 -3.44 -18.68
CA GLY A 22 15.56 -4.22 -18.83
C GLY A 22 14.60 -4.00 -17.68
N PHE A 23 13.32 -4.22 -17.96
CA PHE A 23 12.27 -4.13 -16.97
C PHE A 23 12.56 -5.02 -15.78
N THR A 24 12.84 -6.30 -16.04
CA THR A 24 13.04 -7.30 -14.99
C THR A 24 14.11 -6.87 -13.99
N PHE A 25 15.31 -6.63 -14.51
CA PHE A 25 16.43 -6.15 -13.71
C PHE A 25 16.03 -4.92 -12.92
N CYS A 26 15.38 -3.96 -13.59
CA CYS A 26 14.87 -2.78 -12.92
C CYS A 26 13.81 -3.12 -11.90
N GLU A 27 12.99 -4.14 -12.14
CA GLU A 27 11.95 -4.61 -11.24
C GLU A 27 12.59 -5.07 -9.95
N MET A 28 13.50 -6.05 -10.01
CA MET A 28 14.21 -6.53 -8.83
C MET A 28 15.05 -5.42 -8.15
N LYS A 29 15.25 -4.30 -8.87
CA LYS A 29 16.00 -3.16 -8.37
C LYS A 29 15.12 -2.13 -7.71
N CYS A 30 14.21 -1.53 -8.46
CA CYS A 30 13.14 -0.64 -8.00
C CYS A 30 12.45 -1.20 -6.76
N ASP A 31 12.41 -2.54 -6.66
CA ASP A 31 11.89 -3.23 -5.49
C ASP A 31 12.68 -2.82 -4.26
N THR A 32 13.98 -3.12 -4.24
CA THR A 32 14.88 -2.75 -3.15
C THR A 32 15.13 -1.23 -3.12
N ASP A 33 14.95 -0.53 -4.24
CA ASP A 33 15.09 0.92 -4.30
C ASP A 33 14.17 1.60 -3.27
N CYS A 34 12.87 1.59 -3.58
CA CYS A 34 11.85 2.18 -2.72
C CYS A 34 11.39 1.16 -1.67
N SER A 35 12.34 0.47 -1.06
CA SER A 35 12.08 -0.55 -0.05
C SER A 35 13.37 -0.99 0.65
N VAL A 36 13.53 -0.61 1.91
CA VAL A 36 14.71 -0.95 2.69
C VAL A 36 14.63 -2.43 3.09
N LYS A 37 15.60 -2.86 3.90
CA LYS A 37 15.64 -4.24 4.39
C LYS A 37 16.41 -4.26 5.70
N ASP A 38 16.86 -5.44 6.10
CA ASP A 38 17.65 -5.63 7.30
C ASP A 38 18.48 -6.90 7.12
N VAL A 39 19.66 -6.92 7.72
CA VAL A 39 20.59 -8.04 7.70
C VAL A 39 21.45 -7.89 8.95
N LYS A 40 20.93 -8.33 10.09
CA LYS A 40 21.69 -8.35 11.35
C LYS A 40 23.03 -9.04 11.13
N GLU A 41 24.05 -8.55 11.84
CA GLU A 41 25.44 -9.03 11.72
C GLU A 41 25.97 -9.45 13.09
N LYS A 42 25.07 -10.03 13.89
CA LYS A 42 25.42 -10.51 15.21
C LYS A 42 24.70 -11.83 15.41
N LEU A 43 25.23 -12.88 14.79
CA LEU A 43 24.73 -14.24 14.93
C LEU A 43 24.48 -14.56 16.40
N GLU A 44 23.57 -15.49 16.65
CA GLU A 44 23.21 -15.84 18.01
C GLU A 44 23.10 -17.35 18.11
N ASN A 45 23.85 -17.93 19.04
CA ASN A 45 23.83 -19.35 19.29
C ASN A 45 24.23 -19.61 20.74
N TYR A 46 23.85 -20.78 21.23
CA TYR A 46 24.09 -21.18 22.61
C TYR A 46 23.60 -22.61 22.80
N LYS A 47 24.52 -23.53 23.09
CA LYS A 47 24.18 -24.91 23.42
C LYS A 47 24.75 -25.32 24.77
N PRO A 48 24.21 -26.40 25.37
CA PRO A 48 24.70 -26.93 26.61
C PRO A 48 26.07 -27.59 26.44
N LYS A 49 26.50 -28.31 27.47
CA LYS A 49 27.74 -29.07 27.47
C LYS A 49 27.45 -30.56 27.34
N ASN A 50 28.33 -31.27 26.66
CA ASN A 50 28.25 -32.71 26.45
C ASN A 50 29.00 -33.43 27.58
N ASP A 1 -0.73 1.12 3.10
CA ASP A 1 -1.27 1.04 1.72
C ASP A 1 -2.25 -0.12 1.68
N GLU A 2 -3.15 -0.13 0.70
CA GLU A 2 -4.24 -1.10 0.61
C GLU A 2 -4.40 -1.50 -0.84
N ALA A 3 -4.08 -2.76 -1.16
CA ALA A 3 -4.15 -3.33 -2.52
C ALA A 3 -3.52 -4.71 -2.56
N GLN A 4 -2.23 -4.82 -2.89
CA GLN A 4 -1.46 -6.07 -2.93
C GLN A 4 -1.55 -6.84 -1.60
N PHE A 5 -1.75 -6.10 -0.51
CA PHE A 5 -2.02 -6.62 0.81
C PHE A 5 -3.47 -6.97 1.03
N LYS A 6 -4.40 -6.08 0.67
CA LYS A 6 -5.84 -6.33 0.77
C LYS A 6 -6.25 -7.57 -0.01
N GLU A 7 -5.54 -7.88 -1.08
CA GLU A 7 -5.73 -9.07 -1.89
C GLU A 7 -5.12 -10.27 -1.21
N CYS A 8 -3.97 -10.15 -0.57
CA CYS A 8 -3.37 -11.24 0.17
C CYS A 8 -4.18 -11.52 1.41
N TYR A 9 -4.67 -10.53 2.14
CA TYR A 9 -5.50 -10.70 3.33
C TYR A 9 -6.81 -11.39 3.01
N ASP A 10 -7.55 -10.87 2.02
CA ASP A 10 -8.84 -11.41 1.60
C ASP A 10 -8.67 -12.84 1.08
N THR A 11 -7.73 -13.00 0.15
CA THR A 11 -7.41 -14.28 -0.49
C THR A 11 -6.82 -15.27 0.49
N CYS A 12 -5.92 -14.82 1.37
CA CYS A 12 -5.40 -15.62 2.47
C CYS A 12 -6.57 -16.06 3.32
N HIS A 13 -7.53 -15.19 3.66
CA HIS A 13 -8.73 -15.56 4.43
C HIS A 13 -9.54 -16.68 3.79
N LYS A 14 -9.63 -16.70 2.45
CA LYS A 14 -10.22 -17.78 1.68
C LYS A 14 -9.54 -19.12 1.93
N GLU A 15 -8.25 -19.23 1.66
CA GLU A 15 -7.44 -20.41 2.00
C GLU A 15 -7.23 -20.58 3.52
N CYS A 16 -7.62 -19.59 4.32
CA CYS A 16 -7.48 -19.61 5.75
C CYS A 16 -8.67 -20.32 6.36
N SER A 17 -9.89 -19.83 6.15
CA SER A 17 -11.12 -20.48 6.59
C SER A 17 -11.23 -21.93 6.08
N ASP A 18 -10.57 -22.26 4.96
CA ASP A 18 -10.36 -23.62 4.46
C ASP A 18 -9.81 -24.55 5.54
N LYS A 19 -8.89 -24.09 6.39
CA LYS A 19 -8.39 -24.84 7.53
C LYS A 19 -9.47 -25.26 8.51
N GLY A 20 -10.67 -24.72 8.38
CA GLY A 20 -11.85 -24.96 9.20
C GLY A 20 -11.82 -24.15 10.49
N ASN A 21 -10.84 -23.25 10.62
CA ASN A 21 -10.73 -22.31 11.72
C ASN A 21 -11.84 -21.24 11.66
N GLY A 22 -11.84 -20.39 12.69
CA GLY A 22 -12.75 -19.25 12.78
C GLY A 22 -12.24 -18.05 12.00
N PHE A 23 -13.15 -17.14 11.64
CA PHE A 23 -12.89 -15.94 10.86
C PHE A 23 -11.95 -14.98 11.55
N THR A 24 -12.25 -14.59 12.80
CA THR A 24 -11.43 -13.71 13.65
C THR A 24 -10.00 -14.20 13.75
N PHE A 25 -9.83 -15.45 14.19
CA PHE A 25 -8.52 -16.08 14.26
C PHE A 25 -7.85 -16.07 12.88
N CYS A 26 -8.61 -16.36 11.83
CA CYS A 26 -8.11 -16.28 10.50
C CYS A 26 -7.68 -14.88 10.12
N GLU A 27 -8.33 -13.84 10.61
CA GLU A 27 -7.99 -12.45 10.41
C GLU A 27 -6.67 -12.14 11.07
N MET A 28 -6.56 -12.19 12.41
CA MET A 28 -5.33 -11.93 13.15
C MET A 28 -4.14 -12.73 12.63
N LYS A 29 -4.42 -13.89 12.03
CA LYS A 29 -3.45 -14.74 11.38
C LYS A 29 -3.14 -14.24 9.98
N CYS A 30 -4.08 -14.23 9.04
CA CYS A 30 -3.95 -13.69 7.69
C CYS A 30 -3.32 -12.28 7.65
N ASP A 31 -3.52 -11.50 8.70
CA ASP A 31 -2.91 -10.20 8.96
C ASP A 31 -1.40 -10.31 9.01
N THR A 32 -0.93 -11.07 10.01
CA THR A 32 0.49 -11.36 10.18
C THR A 32 1.01 -12.35 9.12
N ASP A 33 0.17 -13.11 8.43
CA ASP A 33 0.56 -14.02 7.37
C ASP A 33 1.21 -13.23 6.25
N CYS A 34 0.40 -12.46 5.54
CA CYS A 34 0.87 -11.65 4.44
C CYS A 34 1.39 -10.31 4.98
N SER A 35 2.22 -10.33 6.03
CA SER A 35 2.80 -9.16 6.68
C SER A 35 4.18 -8.84 6.11
N VAL A 36 4.17 -8.01 5.08
CA VAL A 36 5.39 -7.57 4.43
C VAL A 36 6.16 -6.60 5.33
N LYS A 37 7.25 -6.05 4.82
CA LYS A 37 8.02 -5.03 5.53
C LYS A 37 7.23 -3.72 5.64
N ASP A 38 6.40 -3.61 6.66
CA ASP A 38 5.60 -2.44 6.95
C ASP A 38 6.40 -1.44 7.76
N VAL A 39 6.34 -0.17 7.38
CA VAL A 39 7.04 0.93 8.02
C VAL A 39 6.24 2.19 7.72
N LYS A 40 5.19 2.42 8.52
CA LYS A 40 4.38 3.64 8.46
C LYS A 40 5.26 4.90 8.32
N GLU A 41 5.04 5.63 7.26
CA GLU A 41 5.83 6.83 6.98
C GLU A 41 5.41 7.98 7.90
N LYS A 42 6.13 9.09 7.78
CA LYS A 42 5.81 10.30 8.53
C LYS A 42 4.78 11.09 7.74
N LEU A 43 3.50 10.68 7.86
CA LEU A 43 2.36 11.38 7.24
C LEU A 43 2.48 12.90 7.48
N GLU A 44 2.13 13.66 6.47
CA GLU A 44 2.24 15.11 6.47
C GLU A 44 0.94 15.71 5.97
N ASN A 45 0.71 16.97 6.32
CA ASN A 45 -0.46 17.74 5.97
C ASN A 45 -0.37 19.12 6.61
N TYR A 46 -1.44 19.89 6.44
CA TYR A 46 -1.56 21.25 6.90
C TYR A 46 -3.02 21.59 7.18
N LYS A 47 -3.28 22.86 7.46
CA LYS A 47 -4.63 23.43 7.67
C LYS A 47 -4.98 24.38 6.50
N PRO A 48 -5.52 23.87 5.38
CA PRO A 48 -5.93 24.70 4.27
C PRO A 48 -7.11 25.57 4.72
N LYS A 49 -7.15 26.81 4.21
CA LYS A 49 -8.28 27.73 4.43
C LYS A 49 -9.60 27.01 4.13
N ASN A 50 -10.55 27.15 5.07
CA ASN A 50 -11.90 26.63 4.92
C ASN A 50 -12.65 27.35 3.79
N ASP A 1 -0.70 1.09 3.06
CA ASP A 1 -1.28 0.95 1.69
C ASP A 1 -2.22 2.09 1.53
N GLU A 2 -1.98 3.03 0.59
CA GLU A 2 -2.86 4.19 0.34
C GLU A 2 -2.86 5.20 1.48
N ALA A 3 -3.13 4.79 2.71
CA ALA A 3 -3.09 5.61 3.92
C ALA A 3 -1.79 6.41 4.06
N GLN A 4 -0.63 5.79 3.83
CA GLN A 4 0.66 6.48 3.75
C GLN A 4 0.68 7.75 2.88
N PHE A 5 -0.09 7.75 1.80
CA PHE A 5 -0.35 8.88 0.90
C PHE A 5 -1.53 9.71 1.42
N LYS A 6 -2.64 9.10 1.89
CA LYS A 6 -3.79 9.83 2.47
C LYS A 6 -3.40 10.70 3.65
N GLU A 7 -2.39 10.28 4.39
CA GLU A 7 -1.76 11.07 5.44
C GLU A 7 -0.88 12.16 4.87
N CYS A 8 -0.14 11.91 3.79
CA CYS A 8 0.65 12.95 3.15
C CYS A 8 -0.26 13.96 2.50
N TYR A 9 -1.31 13.59 1.80
CA TYR A 9 -2.28 14.48 1.17
C TYR A 9 -2.99 15.35 2.20
N ASP A 10 -3.58 14.75 3.23
CA ASP A 10 -4.30 15.45 4.30
C ASP A 10 -3.37 16.42 5.03
N THR A 11 -2.23 15.89 5.49
CA THR A 11 -1.21 16.62 6.23
C THR A 11 -0.55 17.68 5.34
N CYS A 12 -0.19 17.35 4.10
CA CYS A 12 0.32 18.31 3.12
C CYS A 12 -0.71 19.40 2.95
N HIS A 13 -2.01 19.08 2.82
CA HIS A 13 -3.09 20.05 2.75
C HIS A 13 -3.11 21.00 3.93
N LYS A 14 -2.79 20.54 5.13
CA LYS A 14 -2.61 21.40 6.30
C LYS A 14 -1.60 22.52 6.07
N GLU A 15 -0.33 22.18 5.86
CA GLU A 15 0.72 23.16 5.49
C GLU A 15 0.49 23.79 4.10
N CYS A 16 -0.47 23.27 3.33
CA CYS A 16 -0.84 23.82 2.04
C CYS A 16 -1.84 24.96 2.18
N SER A 17 -3.01 24.70 2.76
CA SER A 17 -4.02 25.71 3.10
C SER A 17 -3.45 26.85 3.96
N ASP A 18 -2.36 26.61 4.71
CA ASP A 18 -1.54 27.65 5.39
C ASP A 18 -1.14 28.77 4.43
N LYS A 19 -0.81 28.45 3.17
CA LYS A 19 -0.54 29.45 2.15
C LYS A 19 -1.69 30.42 1.89
N GLY A 20 -2.87 30.11 2.44
CA GLY A 20 -4.11 30.87 2.33
C GLY A 20 -4.81 30.59 1.01
N ASN A 21 -4.41 29.53 0.31
CA ASN A 21 -5.01 29.10 -0.94
C ASN A 21 -6.35 28.38 -0.71
N GLY A 22 -7.02 28.06 -1.82
CA GLY A 22 -8.22 27.25 -1.77
C GLY A 22 -7.91 25.79 -1.57
N PHE A 23 -8.78 25.09 -0.84
CA PHE A 23 -8.74 23.66 -0.62
C PHE A 23 -8.50 22.93 -1.93
N THR A 24 -9.29 23.20 -2.96
CA THR A 24 -9.25 22.52 -4.26
C THR A 24 -7.87 22.61 -4.91
N PHE A 25 -7.38 23.83 -5.11
CA PHE A 25 -6.06 24.08 -5.66
C PHE A 25 -5.01 23.39 -4.82
N CYS A 26 -5.04 23.58 -3.51
CA CYS A 26 -4.17 22.90 -2.59
C CYS A 26 -4.30 21.39 -2.65
N GLU A 27 -5.48 20.84 -2.94
CA GLU A 27 -5.79 19.42 -3.11
C GLU A 27 -5.08 18.90 -4.33
N MET A 28 -5.43 19.38 -5.53
CA MET A 28 -4.77 18.97 -6.77
C MET A 28 -3.25 19.19 -6.72
N LYS A 29 -2.81 20.18 -5.95
CA LYS A 29 -1.39 20.48 -5.76
C LYS A 29 -0.73 19.51 -4.82
N CYS A 30 -1.18 19.41 -3.57
CA CYS A 30 -0.81 18.39 -2.58
C CYS A 30 -0.81 16.97 -3.13
N ASP A 31 -1.67 16.72 -4.11
CA ASP A 31 -1.74 15.48 -4.88
C ASP A 31 -0.42 15.21 -5.59
N THR A 32 -0.04 16.11 -6.50
CA THR A 32 1.22 16.03 -7.23
C THR A 32 2.42 16.36 -6.32
N ASP A 33 2.24 17.08 -5.21
CA ASP A 33 3.28 17.36 -4.23
C ASP A 33 3.91 16.08 -3.70
N CYS A 34 3.15 15.34 -2.89
CA CYS A 34 3.60 14.10 -2.29
C CYS A 34 3.38 12.92 -3.25
N SER A 35 3.75 13.10 -4.50
CA SER A 35 3.57 12.14 -5.58
C SER A 35 4.41 12.53 -6.82
N VAL A 36 5.59 11.96 -6.97
CA VAL A 36 6.47 12.22 -8.11
C VAL A 36 5.89 11.54 -9.36
N LYS A 37 6.59 11.67 -10.48
CA LYS A 37 6.22 11.04 -11.74
C LYS A 37 7.41 11.14 -12.70
N ASP A 38 7.57 10.12 -13.53
CA ASP A 38 8.57 10.07 -14.58
C ASP A 38 7.89 10.12 -15.94
N VAL A 39 8.60 10.66 -16.93
CA VAL A 39 8.14 10.83 -18.31
C VAL A 39 9.37 10.74 -19.19
N LYS A 40 9.81 9.51 -19.47
CA LYS A 40 10.95 9.25 -20.35
C LYS A 40 10.78 9.98 -21.68
N GLU A 41 11.83 10.65 -22.10
CA GLU A 41 11.79 11.43 -23.33
C GLU A 41 12.19 10.55 -24.50
N LYS A 42 11.78 10.95 -25.70
CA LYS A 42 12.18 10.28 -26.93
C LYS A 42 13.60 10.76 -27.28
N LEU A 43 14.59 10.17 -26.59
CA LEU A 43 16.02 10.37 -26.85
C LEU A 43 16.30 10.31 -28.35
N GLU A 44 17.40 10.87 -28.79
CA GLU A 44 17.80 10.80 -30.18
C GLU A 44 19.28 11.13 -30.29
N ASN A 45 19.92 10.61 -31.33
CA ASN A 45 21.33 10.80 -31.61
C ASN A 45 21.71 10.00 -32.84
N TYR A 46 22.51 10.59 -33.72
CA TYR A 46 22.95 9.91 -34.93
C TYR A 46 23.94 10.79 -35.66
N LYS A 47 24.75 10.20 -36.53
CA LYS A 47 25.65 10.94 -37.41
C LYS A 47 25.58 10.45 -38.86
N PRO A 48 26.08 11.25 -39.82
CA PRO A 48 26.12 10.87 -41.21
C PRO A 48 27.18 9.78 -41.43
N LYS A 49 27.38 9.43 -42.70
CA LYS A 49 28.40 8.46 -43.12
C LYS A 49 28.76 8.80 -44.55
N ASN A 50 30.04 8.69 -44.89
CA ASN A 50 30.55 8.82 -46.27
C ASN A 50 29.73 8.00 -47.28
N ASP A 1 -0.67 1.12 3.03
CA ASP A 1 -1.24 1.00 1.67
C ASP A 1 -2.73 0.91 1.82
N GLU A 2 -3.44 0.62 0.73
CA GLU A 2 -4.89 0.38 0.70
C GLU A 2 -5.64 1.69 0.87
N ALA A 3 -5.33 2.45 1.92
CA ALA A 3 -5.90 3.75 2.19
C ALA A 3 -5.84 4.66 0.97
N GLN A 4 -4.67 4.74 0.32
CA GLN A 4 -4.51 5.48 -0.93
C GLN A 4 -5.64 5.21 -1.95
N PHE A 5 -6.17 3.99 -1.94
CA PHE A 5 -7.32 3.57 -2.74
C PHE A 5 -8.63 3.81 -1.99
N LYS A 6 -8.71 3.51 -0.67
CA LYS A 6 -9.91 3.78 0.14
C LYS A 6 -10.30 5.25 0.08
N GLU A 7 -9.34 6.13 -0.09
CA GLU A 7 -9.57 7.56 -0.27
C GLU A 7 -10.00 7.86 -1.69
N CYS A 8 -9.50 7.13 -2.69
CA CYS A 8 -9.96 7.32 -4.05
C CYS A 8 -11.35 6.77 -4.21
N TYR A 9 -11.68 5.61 -3.66
CA TYR A 9 -12.99 5.01 -3.73
C TYR A 9 -14.03 5.88 -3.04
N ASP A 10 -13.76 6.26 -1.79
CA ASP A 10 -14.66 7.10 -1.00
C ASP A 10 -14.87 8.45 -1.68
N THR A 11 -13.75 9.10 -2.01
CA THR A 11 -13.73 10.40 -2.64
C THR A 11 -14.35 10.34 -4.03
N CYS A 12 -13.96 9.33 -4.81
CA CYS A 12 -14.53 9.08 -6.12
C CYS A 12 -16.03 8.93 -5.97
N HIS A 13 -16.51 8.15 -4.99
CA HIS A 13 -17.93 7.99 -4.71
C HIS A 13 -18.61 9.32 -4.51
N LYS A 14 -17.97 10.28 -3.83
CA LYS A 14 -18.49 11.64 -3.69
C LYS A 14 -18.84 12.26 -5.04
N GLU A 15 -17.85 12.51 -5.88
CA GLU A 15 -18.08 13.00 -7.25
C GLU A 15 -18.88 11.99 -8.12
N CYS A 16 -19.01 10.76 -7.64
CA CYS A 16 -19.75 9.74 -8.33
C CYS A 16 -21.24 9.90 -8.04
N SER A 17 -21.66 9.73 -6.79
CA SER A 17 -23.04 9.93 -6.34
C SER A 17 -23.56 11.29 -6.77
N ASP A 18 -22.68 12.27 -7.00
CA ASP A 18 -23.02 13.57 -7.60
C ASP A 18 -23.81 13.40 -8.90
N LYS A 19 -23.46 12.37 -9.70
CA LYS A 19 -24.20 12.05 -10.91
C LYS A 19 -25.67 11.74 -10.64
N GLY A 20 -26.03 11.55 -9.37
CA GLY A 20 -27.36 11.25 -8.91
C GLY A 20 -27.67 9.78 -9.08
N ASN A 21 -26.63 8.96 -9.31
CA ASN A 21 -26.78 7.53 -9.45
C ASN A 21 -26.92 6.85 -8.09
N GLY A 22 -27.09 5.53 -8.14
CA GLY A 22 -27.12 4.73 -6.92
C GLY A 22 -25.74 4.50 -6.35
N PHE A 23 -25.67 4.35 -5.03
CA PHE A 23 -24.44 4.12 -4.29
C PHE A 23 -23.75 2.89 -4.80
N THR A 24 -24.44 1.74 -4.80
CA THR A 24 -23.90 0.46 -5.26
C THR A 24 -23.23 0.58 -6.61
N PHE A 25 -23.99 1.03 -7.62
CA PHE A 25 -23.48 1.21 -8.96
C PHE A 25 -22.25 2.10 -8.93
N CYS A 26 -22.37 3.25 -8.25
CA CYS A 26 -21.27 4.15 -8.08
C CYS A 26 -20.11 3.47 -7.39
N GLU A 27 -20.36 2.55 -6.47
CA GLU A 27 -19.36 1.78 -5.74
C GLU A 27 -18.63 0.87 -6.69
N MET A 28 -19.30 -0.11 -7.28
CA MET A 28 -18.69 -1.03 -8.24
C MET A 28 -17.99 -0.28 -9.38
N LYS A 29 -18.49 0.91 -9.72
CA LYS A 29 -17.90 1.75 -10.73
C LYS A 29 -16.66 2.45 -10.24
N CYS A 30 -16.77 3.29 -9.21
CA CYS A 30 -15.66 3.93 -8.53
C CYS A 30 -14.54 2.93 -8.20
N ASP A 31 -14.92 1.65 -8.02
CA ASP A 31 -13.98 0.56 -7.83
C ASP A 31 -13.07 0.42 -9.03
N THR A 32 -13.67 0.14 -10.19
CA THR A 32 -12.92 0.01 -11.44
C THR A 32 -12.40 1.36 -11.93
N ASP A 33 -13.05 2.47 -11.54
CA ASP A 33 -12.65 3.82 -11.88
C ASP A 33 -11.21 4.07 -11.49
N CYS A 34 -10.97 4.19 -10.17
CA CYS A 34 -9.65 4.41 -9.64
C CYS A 34 -8.94 3.06 -9.50
N SER A 35 -8.79 2.33 -10.60
CA SER A 35 -8.15 1.04 -10.65
C SER A 35 -7.43 0.87 -11.97
N VAL A 36 -6.15 0.55 -11.88
CA VAL A 36 -5.30 0.33 -13.03
C VAL A 36 -5.58 -1.05 -13.61
N LYS A 37 -4.81 -1.43 -14.62
CA LYS A 37 -4.95 -2.74 -15.24
C LYS A 37 -3.82 -2.92 -16.24
N ASP A 38 -3.03 -3.96 -16.04
CA ASP A 38 -1.91 -4.30 -16.93
C ASP A 38 -2.04 -5.75 -17.36
N VAL A 39 -1.32 -6.11 -18.42
CA VAL A 39 -1.32 -7.46 -18.96
C VAL A 39 0.08 -7.73 -19.49
N LYS A 40 1.04 -7.91 -18.58
CA LYS A 40 2.42 -8.23 -18.95
C LYS A 40 2.45 -9.32 -20.01
N GLU A 41 3.13 -9.02 -21.11
CA GLU A 41 3.19 -9.94 -22.23
C GLU A 41 4.28 -10.97 -21.96
N LYS A 42 4.23 -12.09 -22.70
CA LYS A 42 5.23 -13.14 -22.57
C LYS A 42 6.46 -12.76 -23.38
N LEU A 43 7.27 -11.84 -22.84
CA LEU A 43 8.50 -11.37 -23.48
C LEU A 43 9.27 -12.55 -24.06
N GLU A 44 9.56 -12.49 -25.35
CA GLU A 44 10.25 -13.57 -26.03
C GLU A 44 10.61 -13.11 -27.43
N ASN A 45 11.78 -13.53 -27.90
CA ASN A 45 12.24 -13.22 -29.23
C ASN A 45 13.52 -13.99 -29.52
N TYR A 46 13.71 -14.39 -30.77
CA TYR A 46 14.87 -15.18 -31.15
C TYR A 46 14.81 -15.41 -32.65
N LYS A 47 15.77 -14.85 -33.39
CA LYS A 47 15.89 -15.08 -34.83
C LYS A 47 17.09 -15.99 -35.15
N PRO A 48 17.04 -16.68 -36.29
CA PRO A 48 18.14 -17.52 -36.74
C PRO A 48 19.33 -16.70 -37.21
N LYS A 49 20.33 -17.38 -37.76
CA LYS A 49 21.50 -16.73 -38.32
C LYS A 49 21.46 -16.81 -39.84
N ASN A 50 21.41 -18.03 -40.39
CA ASN A 50 21.35 -18.30 -41.82
C ASN A 50 20.67 -19.64 -42.08
N ASP A 1 -0.70 1.16 3.04
CA ASP A 1 -1.32 1.08 1.70
C ASP A 1 -0.32 0.46 0.75
N GLU A 2 -0.48 -0.82 0.42
CA GLU A 2 0.43 -1.52 -0.49
C GLU A 2 1.79 -1.81 0.18
N ALA A 3 2.47 -0.79 0.69
CA ALA A 3 3.72 -0.89 1.40
C ALA A 3 3.60 -1.78 2.62
N GLN A 4 2.55 -1.57 3.43
CA GLN A 4 2.28 -2.42 4.60
C GLN A 4 2.33 -3.91 4.26
N PHE A 5 1.98 -4.24 3.01
CA PHE A 5 2.10 -5.57 2.46
C PHE A 5 3.46 -5.86 1.87
N LYS A 6 4.04 -4.93 1.10
CA LYS A 6 5.39 -5.07 0.54
C LYS A 6 6.41 -5.30 1.65
N GLU A 7 6.17 -4.80 2.84
CA GLU A 7 7.00 -5.05 3.99
C GLU A 7 6.70 -6.41 4.57
N CYS A 8 5.47 -6.89 4.58
CA CYS A 8 5.16 -8.22 5.03
C CYS A 8 5.70 -9.24 4.07
N TYR A 9 5.55 -9.07 2.77
CA TYR A 9 6.05 -9.97 1.74
C TYR A 9 7.57 -10.06 1.78
N ASP A 10 8.26 -8.91 1.76
CA ASP A 10 9.71 -8.86 1.80
C ASP A 10 10.23 -9.48 3.09
N THR A 11 9.69 -8.99 4.22
CA THR A 11 10.07 -9.45 5.55
C THR A 11 9.69 -10.91 5.75
N CYS A 12 8.49 -11.30 5.35
CA CYS A 12 8.04 -12.68 5.39
C CYS A 12 9.01 -13.53 4.59
N HIS A 13 9.41 -13.08 3.38
CA HIS A 13 10.37 -13.78 2.55
C HIS A 13 11.65 -14.03 3.31
N LYS A 14 12.12 -13.09 4.13
CA LYS A 14 13.29 -13.27 5.00
C LYS A 14 13.14 -14.48 5.89
N GLU A 15 12.24 -14.42 6.87
CA GLU A 15 11.96 -15.57 7.75
C GLU A 15 11.46 -16.80 6.98
N CYS A 16 11.02 -16.61 5.73
CA CYS A 16 10.60 -17.66 4.86
C CYS A 16 11.80 -18.37 4.29
N SER A 17 12.55 -17.72 3.40
CA SER A 17 13.77 -18.24 2.80
C SER A 17 14.75 -18.70 3.87
N ASP A 18 14.66 -18.17 5.09
CA ASP A 18 15.41 -18.63 6.26
C ASP A 18 15.25 -20.13 6.46
N LYS A 19 14.05 -20.67 6.17
CA LYS A 19 13.81 -22.10 6.22
C LYS A 19 14.74 -22.90 5.29
N GLY A 20 15.41 -22.20 4.38
CA GLY A 20 16.35 -22.73 3.41
C GLY A 20 15.59 -23.24 2.19
N ASN A 21 14.34 -22.80 2.02
CA ASN A 21 13.54 -23.15 0.88
C ASN A 21 13.91 -22.33 -0.36
N GLY A 22 13.22 -22.60 -1.48
CA GLY A 22 13.40 -21.82 -2.68
C GLY A 22 12.67 -20.49 -2.61
N PHE A 23 13.20 -19.50 -3.32
CA PHE A 23 12.66 -18.15 -3.38
C PHE A 23 11.24 -18.16 -3.86
N THR A 24 11.00 -18.71 -5.05
CA THR A 24 9.69 -18.81 -5.67
C THR A 24 8.68 -19.37 -4.70
N PHE A 25 8.91 -20.58 -4.19
CA PHE A 25 8.03 -21.23 -3.24
C PHE A 25 7.79 -20.31 -2.05
N CYS A 26 8.86 -19.74 -1.51
CA CYS A 26 8.77 -18.80 -0.44
C CYS A 26 7.93 -17.59 -0.83
N GLU A 27 8.02 -17.13 -2.08
CA GLU A 27 7.26 -16.04 -2.64
C GLU A 27 5.80 -16.39 -2.76
N MET A 28 5.43 -17.35 -3.62
CA MET A 28 4.06 -17.82 -3.79
C MET A 28 3.38 -18.12 -2.46
N LYS A 29 4.18 -18.51 -1.46
CA LYS A 29 3.73 -18.71 -0.11
C LYS A 29 3.59 -17.41 0.63
N CYS A 30 4.67 -16.69 0.91
CA CYS A 30 4.67 -15.39 1.56
C CYS A 30 3.60 -14.45 0.97
N ASP A 31 3.26 -14.66 -0.30
CA ASP A 31 2.20 -13.98 -1.02
C ASP A 31 0.86 -14.23 -0.35
N THR A 32 0.46 -15.50 -0.31
CA THR A 32 -0.79 -15.90 0.33
C THR A 32 -0.68 -15.85 1.85
N ASP A 33 0.53 -15.97 2.40
CA ASP A 33 0.80 -15.91 3.83
C ASP A 33 0.23 -14.62 4.40
N CYS A 34 0.87 -13.50 4.06
CA CYS A 34 0.42 -12.21 4.52
C CYS A 34 -0.51 -11.63 3.47
N SER A 35 -1.81 -11.80 3.62
CA SER A 35 -2.81 -11.30 2.67
C SER A 35 -4.21 -11.56 3.22
N VAL A 36 -4.96 -10.49 3.41
CA VAL A 36 -6.33 -10.58 3.89
C VAL A 36 -7.24 -11.05 2.75
N LYS A 37 -8.53 -11.07 3.01
CA LYS A 37 -9.53 -11.44 2.01
C LYS A 37 -10.69 -10.47 2.08
N ASP A 38 -11.27 -10.19 0.91
CA ASP A 38 -12.44 -9.32 0.82
C ASP A 38 -13.58 -9.89 1.67
N VAL A 39 -14.54 -9.04 1.99
CA VAL A 39 -15.71 -9.44 2.76
C VAL A 39 -16.96 -9.47 1.90
N LYS A 40 -16.89 -10.12 0.74
CA LYS A 40 -17.99 -10.19 -0.24
C LYS A 40 -17.50 -10.86 -1.51
N GLU A 41 -16.98 -10.08 -2.43
CA GLU A 41 -16.49 -10.57 -3.70
C GLU A 41 -15.49 -9.58 -4.27
N LYS A 42 -14.53 -10.10 -5.03
CA LYS A 42 -13.52 -9.27 -5.69
C LYS A 42 -14.09 -8.75 -7.00
N LEU A 43 -15.16 -7.94 -6.91
CA LEU A 43 -15.80 -7.34 -8.07
C LEU A 43 -14.75 -6.77 -9.04
N GLU A 44 -15.10 -6.68 -10.30
CA GLU A 44 -14.17 -6.22 -11.32
C GLU A 44 -14.91 -5.27 -12.22
N ASN A 45 -14.96 -4.00 -11.81
CA ASN A 45 -15.57 -2.96 -12.64
C ASN A 45 -15.01 -3.00 -14.06
N TYR A 46 -15.66 -2.25 -14.95
CA TYR A 46 -15.28 -2.22 -16.34
C TYR A 46 -15.39 -0.80 -16.87
N LYS A 47 -14.54 -0.46 -17.84
CA LYS A 47 -14.55 0.84 -18.48
C LYS A 47 -14.58 0.66 -19.99
N PRO A 48 -15.77 0.47 -20.57
CA PRO A 48 -15.90 0.31 -22.00
C PRO A 48 -15.64 1.65 -22.69
N LYS A 49 -15.00 1.59 -23.87
CA LYS A 49 -14.69 2.76 -24.68
C LYS A 49 -15.91 3.69 -24.78
N ASN A 50 -16.86 3.33 -25.62
CA ASN A 50 -18.14 4.02 -25.81
C ASN A 50 -19.31 3.02 -25.80
N ASP A 1 -0.71 1.12 3.07
CA ASP A 1 -1.36 1.03 1.73
C ASP A 1 -0.66 2.02 0.84
N GLU A 2 -0.77 1.85 -0.48
CA GLU A 2 -0.21 2.75 -1.50
C GLU A 2 1.32 2.67 -1.51
N ALA A 3 1.96 3.10 -0.42
CA ALA A 3 3.39 3.02 -0.22
C ALA A 3 3.92 1.60 -0.39
N GLN A 4 3.27 0.61 0.23
CA GLN A 4 3.64 -0.79 0.04
C GLN A 4 3.80 -1.18 -1.44
N PHE A 5 3.04 -0.54 -2.33
CA PHE A 5 3.11 -0.69 -3.77
C PHE A 5 4.13 0.29 -4.35
N LYS A 6 4.19 1.56 -3.92
CA LYS A 6 5.19 2.54 -4.38
C LYS A 6 6.59 1.97 -4.21
N GLU A 7 6.81 1.20 -3.16
CA GLU A 7 8.07 0.58 -2.88
C GLU A 7 8.30 -0.58 -3.82
N CYS A 8 7.27 -1.36 -4.14
CA CYS A 8 7.38 -2.44 -5.10
C CYS A 8 7.59 -1.88 -6.48
N TYR A 9 6.89 -0.84 -6.90
CA TYR A 9 7.05 -0.20 -8.20
C TYR A 9 8.43 0.39 -8.36
N ASP A 10 8.86 1.22 -7.41
CA ASP A 10 10.19 1.86 -7.44
C ASP A 10 11.28 0.80 -7.44
N THR A 11 11.20 -0.12 -6.47
CA THR A 11 12.17 -1.20 -6.28
C THR A 11 12.15 -2.17 -7.46
N CYS A 12 10.95 -2.56 -7.91
CA CYS A 12 10.77 -3.38 -9.10
C CYS A 12 11.43 -2.67 -10.26
N HIS A 13 11.20 -1.35 -10.44
CA HIS A 13 11.82 -0.57 -11.50
C HIS A 13 13.33 -0.69 -11.47
N LYS A 14 13.94 -0.74 -10.29
CA LYS A 14 15.38 -0.99 -10.13
C LYS A 14 15.81 -2.29 -10.78
N GLU A 15 15.41 -3.43 -10.22
CA GLU A 15 15.69 -4.75 -10.83
C GLU A 15 15.11 -4.89 -12.25
N CYS A 16 14.17 -4.02 -12.61
CA CYS A 16 13.58 -4.00 -13.92
C CYS A 16 14.51 -3.32 -14.90
N SER A 17 14.75 -2.01 -14.75
CA SER A 17 15.66 -1.23 -15.57
C SER A 17 17.06 -1.85 -15.59
N ASP A 18 17.42 -2.64 -14.56
CA ASP A 18 18.63 -3.46 -14.52
C ASP A 18 18.75 -4.36 -15.76
N LYS A 19 17.62 -4.88 -16.27
CA LYS A 19 17.59 -5.64 -17.50
C LYS A 19 18.10 -4.86 -18.70
N GLY A 20 18.26 -3.54 -18.55
CA GLY A 20 18.73 -2.60 -19.55
C GLY A 20 17.60 -2.21 -20.49
N ASN A 21 16.35 -2.42 -20.06
CA ASN A 21 15.18 -2.04 -20.81
C ASN A 21 14.88 -0.54 -20.70
N GLY A 22 13.86 -0.11 -21.42
CA GLY A 22 13.39 1.26 -21.34
C GLY A 22 12.60 1.50 -20.05
N PHE A 23 12.70 2.72 -19.52
CA PHE A 23 12.01 3.15 -18.31
C PHE A 23 10.52 2.88 -18.40
N THR A 24 9.87 3.45 -19.41
CA THR A 24 8.43 3.32 -19.66
C THR A 24 8.00 1.87 -19.64
N PHE A 25 8.60 1.04 -20.50
CA PHE A 25 8.32 -0.38 -20.55
C PHE A 25 8.49 -1.01 -19.18
N CYS A 26 9.60 -0.70 -18.51
CA CYS A 26 9.85 -1.16 -17.19
C CYS A 26 8.77 -0.71 -16.22
N GLU A 27 8.25 0.50 -16.38
CA GLU A 27 7.17 1.06 -15.61
C GLU A 27 5.87 0.36 -15.88
N MET A 28 5.31 0.46 -17.08
CA MET A 28 4.07 -0.21 -17.49
C MET A 28 4.06 -1.68 -17.12
N LYS A 29 5.26 -2.28 -17.07
CA LYS A 29 5.46 -3.65 -16.62
C LYS A 29 5.48 -3.75 -15.12
N CYS A 30 6.45 -3.15 -14.43
CA CYS A 30 6.54 -3.07 -12.98
C CYS A 30 5.20 -2.72 -12.31
N ASP A 31 4.37 -1.97 -13.03
CA ASP A 31 3.01 -1.62 -12.66
C ASP A 31 2.17 -2.89 -12.45
N THR A 32 2.02 -3.66 -13.53
CA THR A 32 1.28 -4.92 -13.50
C THR A 32 2.08 -6.02 -12.80
N ASP A 33 3.42 -5.96 -12.81
CA ASP A 33 4.34 -6.90 -12.19
C ASP A 33 4.00 -7.04 -10.71
N CYS A 34 4.20 -5.96 -9.96
CA CYS A 34 3.87 -5.88 -8.55
C CYS A 34 2.38 -5.60 -8.36
N SER A 35 1.52 -6.32 -9.07
CA SER A 35 0.07 -6.17 -9.01
C SER A 35 -0.64 -7.36 -9.66
N VAL A 36 -0.34 -8.55 -9.15
CA VAL A 36 -0.91 -9.81 -9.63
C VAL A 36 -2.34 -9.91 -9.14
N LYS A 37 -3.00 -11.02 -9.44
CA LYS A 37 -4.36 -11.29 -9.03
C LYS A 37 -4.73 -12.68 -9.52
N ASP A 38 -4.95 -13.60 -8.57
CA ASP A 38 -5.37 -14.98 -8.85
C ASP A 38 -6.47 -14.99 -9.91
N VAL A 39 -6.26 -15.72 -11.00
CA VAL A 39 -7.20 -15.76 -12.12
C VAL A 39 -7.03 -17.07 -12.86
N LYS A 40 -7.65 -18.13 -12.33
CA LYS A 40 -7.56 -19.49 -12.88
C LYS A 40 -8.12 -20.48 -11.88
N GLU A 41 -9.31 -20.97 -12.17
CA GLU A 41 -9.96 -21.99 -11.33
C GLU A 41 -9.09 -23.23 -11.20
N LYS A 42 -9.45 -24.08 -10.24
CA LYS A 42 -8.74 -25.34 -10.03
C LYS A 42 -9.25 -26.37 -11.03
N LEU A 43 -8.96 -26.14 -12.32
CA LEU A 43 -9.28 -27.03 -13.41
C LEU A 43 -8.99 -28.47 -12.98
N GLU A 44 -9.97 -29.35 -13.15
CA GLU A 44 -9.83 -30.75 -12.78
C GLU A 44 -11.11 -31.52 -13.07
N ASN A 45 -12.25 -30.91 -12.72
CA ASN A 45 -13.56 -31.44 -13.02
C ASN A 45 -13.65 -31.95 -14.46
N TYR A 46 -14.48 -32.96 -14.65
CA TYR A 46 -14.60 -33.58 -15.95
C TYR A 46 -15.90 -34.36 -16.02
N LYS A 47 -16.54 -34.30 -17.19
CA LYS A 47 -17.76 -35.07 -17.42
C LYS A 47 -17.44 -36.48 -17.91
N PRO A 48 -18.34 -37.45 -17.67
CA PRO A 48 -18.17 -38.81 -18.14
C PRO A 48 -18.35 -38.90 -19.65
N LYS A 49 -17.87 -40.00 -20.22
CA LYS A 49 -18.04 -40.29 -21.64
C LYS A 49 -19.22 -41.24 -21.86
N ASN A 50 -19.65 -41.36 -23.12
CA ASN A 50 -20.72 -42.26 -23.54
C ASN A 50 -20.19 -43.52 -24.22
N ASP A 1 -0.78 1.10 3.25
CA ASP A 1 -1.27 0.95 1.85
C ASP A 1 -2.77 0.68 1.87
N GLU A 2 -3.55 1.76 1.95
CA GLU A 2 -5.01 1.65 2.01
C GLU A 2 -5.62 2.14 0.71
N ALA A 3 -5.09 3.22 0.13
CA ALA A 3 -5.62 3.79 -1.11
C ALA A 3 -5.44 2.88 -2.34
N GLN A 4 -4.24 2.29 -2.51
CA GLN A 4 -3.97 1.31 -3.58
C GLN A 4 -5.02 0.18 -3.65
N PHE A 5 -5.55 -0.17 -2.48
CA PHE A 5 -6.58 -1.16 -2.25
C PHE A 5 -7.96 -0.54 -2.36
N LYS A 6 -8.23 0.60 -1.73
CA LYS A 6 -9.51 1.34 -1.85
C LYS A 6 -9.88 1.55 -3.31
N GLU A 7 -8.88 1.86 -4.13
CA GLU A 7 -9.01 2.05 -5.56
C GLU A 7 -9.27 0.75 -6.26
N CYS A 8 -8.58 -0.32 -5.88
CA CYS A 8 -8.88 -1.63 -6.41
C CYS A 8 -10.27 -2.08 -6.00
N TYR A 9 -10.67 -1.92 -4.75
CA TYR A 9 -11.99 -2.27 -4.23
C TYR A 9 -13.10 -1.49 -4.92
N ASP A 10 -13.03 -0.16 -4.94
CA ASP A 10 -14.03 0.72 -5.57
C ASP A 10 -14.15 0.44 -7.08
N THR A 11 -13.00 0.41 -7.76
CA THR A 11 -12.88 0.16 -9.21
C THR A 11 -13.23 -1.28 -9.58
N CYS A 12 -12.78 -2.27 -8.81
CA CYS A 12 -13.24 -3.65 -8.94
C CYS A 12 -14.75 -3.69 -8.72
N HIS A 13 -15.31 -3.00 -7.72
CA HIS A 13 -16.76 -2.93 -7.51
C HIS A 13 -17.55 -2.40 -8.70
N LYS A 14 -16.96 -1.51 -9.50
CA LYS A 14 -17.46 -1.04 -10.81
C LYS A 14 -17.60 -2.18 -11.80
N GLU A 15 -16.51 -2.76 -12.27
CA GLU A 15 -16.51 -3.94 -13.17
C GLU A 15 -17.16 -5.20 -12.54
N CYS A 16 -17.35 -5.21 -11.22
CA CYS A 16 -18.05 -6.25 -10.51
C CYS A 16 -19.58 -6.08 -10.58
N SER A 17 -20.09 -4.96 -10.08
CA SER A 17 -21.52 -4.60 -10.17
C SER A 17 -22.01 -4.49 -11.63
N ASP A 18 -21.13 -4.24 -12.59
CA ASP A 18 -21.34 -4.39 -14.05
C ASP A 18 -21.92 -5.76 -14.41
N LYS A 19 -21.45 -6.85 -13.78
CA LYS A 19 -22.03 -8.18 -13.96
C LYS A 19 -23.52 -8.29 -13.60
N GLY A 20 -24.10 -7.24 -13.01
CA GLY A 20 -25.49 -7.11 -12.57
C GLY A 20 -25.77 -7.83 -11.26
N ASN A 21 -24.70 -8.14 -10.52
CA ASN A 21 -24.76 -8.79 -9.22
C ASN A 21 -25.16 -7.82 -8.11
N GLY A 22 -25.43 -8.38 -6.92
CA GLY A 22 -25.69 -7.58 -5.73
C GLY A 22 -24.43 -6.87 -5.24
N PHE A 23 -24.60 -5.66 -4.69
CA PHE A 23 -23.53 -4.83 -4.10
C PHE A 23 -22.68 -5.61 -3.10
N THR A 24 -23.30 -6.17 -2.05
CA THR A 24 -22.69 -6.98 -0.97
C THR A 24 -21.84 -8.12 -1.51
N PHE A 25 -22.45 -8.97 -2.35
CA PHE A 25 -21.73 -10.05 -3.02
C PHE A 25 -20.53 -9.50 -3.78
N CYS A 26 -20.74 -8.45 -4.58
CA CYS A 26 -19.66 -7.79 -5.27
C CYS A 26 -18.60 -7.23 -4.34
N GLU A 27 -18.95 -6.72 -3.18
CA GLU A 27 -18.06 -6.23 -2.13
C GLU A 27 -17.24 -7.36 -1.54
N MET A 28 -17.86 -8.29 -0.80
CA MET A 28 -17.25 -9.49 -0.21
C MET A 28 -16.37 -10.27 -1.19
N LYS A 29 -16.72 -10.21 -2.49
CA LYS A 29 -15.89 -10.72 -3.57
C LYS A 29 -14.74 -9.78 -3.90
N CYS A 30 -15.00 -8.55 -4.36
CA CYS A 30 -14.01 -7.50 -4.63
C CYS A 30 -12.96 -7.27 -3.53
N ASP A 31 -13.35 -7.55 -2.29
CA ASP A 31 -12.52 -7.64 -1.08
C ASP A 31 -11.42 -8.68 -1.27
N THR A 32 -11.83 -9.94 -1.41
CA THR A 32 -10.89 -11.06 -1.60
C THR A 32 -10.26 -11.07 -3.00
N ASP A 33 -10.92 -10.51 -4.03
CA ASP A 33 -10.50 -10.38 -5.42
C ASP A 33 -9.12 -9.72 -5.51
N CYS A 34 -9.09 -8.42 -5.20
CA CYS A 34 -7.88 -7.65 -5.16
C CYS A 34 -7.29 -7.78 -3.76
N SER A 35 -6.44 -8.79 -3.53
CA SER A 35 -5.78 -9.05 -2.24
C SER A 35 -4.27 -9.02 -2.45
N VAL A 36 -3.66 -7.93 -1.98
CA VAL A 36 -2.21 -7.75 -2.05
C VAL A 36 -1.52 -8.69 -1.04
N LYS A 37 -0.20 -8.56 -0.94
CA LYS A 37 0.62 -9.29 0.02
C LYS A 37 1.59 -8.34 0.74
N ASP A 38 2.50 -8.93 1.50
CA ASP A 38 3.57 -8.25 2.20
C ASP A 38 4.88 -8.38 1.39
N VAL A 39 5.65 -7.30 1.36
CA VAL A 39 7.00 -7.19 0.78
C VAL A 39 8.06 -7.21 1.87
N LYS A 40 7.97 -8.22 2.76
CA LYS A 40 8.95 -8.39 3.84
C LYS A 40 10.38 -8.34 3.34
N GLU A 41 11.23 -7.74 4.17
CA GLU A 41 12.64 -7.55 3.84
C GLU A 41 13.43 -8.86 4.04
N LYS A 42 14.72 -8.79 3.76
CA LYS A 42 15.67 -9.86 3.99
C LYS A 42 16.48 -9.52 5.24
N LEU A 43 15.92 -9.88 6.40
CA LEU A 43 16.59 -9.75 7.70
C LEU A 43 18.01 -10.35 7.65
N GLU A 44 18.92 -9.72 8.39
CA GLU A 44 20.32 -10.13 8.45
C GLU A 44 20.55 -11.12 9.59
N ASN A 45 21.72 -11.75 9.58
CA ASN A 45 22.11 -12.68 10.62
C ASN A 45 23.61 -12.92 10.51
N TYR A 46 24.25 -13.18 11.65
CA TYR A 46 25.68 -13.47 11.69
C TYR A 46 25.96 -14.65 12.59
N LYS A 47 27.24 -15.02 12.69
CA LYS A 47 27.70 -16.06 13.61
C LYS A 47 29.18 -15.85 13.93
N PRO A 48 29.52 -14.86 14.76
CA PRO A 48 30.91 -14.66 15.15
C PRO A 48 31.39 -15.91 15.92
N LYS A 49 32.71 -16.13 15.89
CA LYS A 49 33.37 -17.19 16.68
C LYS A 49 33.01 -17.11 18.17
N ASN A 50 33.08 -18.25 18.86
CA ASN A 50 32.93 -18.31 20.32
C ASN A 50 34.23 -17.82 20.98
N ASP A 1 -0.63 1.15 3.03
CA ASP A 1 -1.23 1.08 1.67
C ASP A 1 -1.95 -0.24 1.58
N GLU A 2 -2.69 -0.46 0.49
CA GLU A 2 -3.41 -1.71 0.19
C GLU A 2 -4.58 -1.90 1.14
N ALA A 3 -4.35 -1.98 2.44
CA ALA A 3 -5.35 -2.07 3.48
C ALA A 3 -6.43 -1.00 3.33
N GLN A 4 -6.04 0.26 3.13
CA GLN A 4 -7.00 1.35 2.85
C GLN A 4 -8.05 0.98 1.79
N PHE A 5 -7.65 0.13 0.84
CA PHE A 5 -8.51 -0.44 -0.16
C PHE A 5 -9.16 -1.74 0.29
N LYS A 6 -8.42 -2.65 0.94
CA LYS A 6 -8.97 -3.89 1.49
C LYS A 6 -10.12 -3.61 2.44
N GLU A 7 -10.10 -2.47 3.11
CA GLU A 7 -11.16 -2.02 3.97
C GLU A 7 -12.31 -1.49 3.16
N CYS A 8 -12.07 -0.78 2.05
CA CYS A 8 -13.13 -0.31 1.19
C CYS A 8 -13.77 -1.48 0.47
N TYR A 9 -13.03 -2.44 -0.06
CA TYR A 9 -13.55 -3.61 -0.72
C TYR A 9 -14.39 -4.46 0.21
N ASP A 10 -13.85 -4.81 1.39
CA ASP A 10 -14.54 -5.62 2.38
C ASP A 10 -15.82 -4.91 2.85
N THR A 11 -15.63 -3.66 3.28
CA THR A 11 -16.71 -2.81 3.79
C THR A 11 -17.73 -2.52 2.71
N CYS A 12 -17.29 -2.18 1.51
CA CYS A 12 -18.13 -1.97 0.34
C CYS A 12 -18.93 -3.24 0.11
N HIS A 13 -18.29 -4.42 0.14
CA HIS A 13 -18.98 -5.70 0.00
C HIS A 13 -20.11 -5.84 1.00
N LYS A 14 -19.94 -5.37 2.23
CA LYS A 14 -21.02 -5.35 3.23
C LYS A 14 -22.26 -4.64 2.72
N GLU A 15 -22.17 -3.34 2.46
CA GLU A 15 -23.26 -2.57 1.84
C GLU A 15 -23.58 -3.06 0.42
N CYS A 16 -22.72 -3.89 -0.18
CA CYS A 16 -22.91 -4.41 -1.51
C CYS A 16 -23.81 -5.62 -1.45
N SER A 17 -23.44 -6.68 -0.74
CA SER A 17 -24.25 -7.86 -0.49
C SER A 17 -25.63 -7.51 0.03
N ASP A 18 -25.79 -6.35 0.69
CA ASP A 18 -27.09 -5.78 1.07
C ASP A 18 -28.07 -5.72 -0.11
N LYS A 19 -27.56 -5.51 -1.33
CA LYS A 19 -28.36 -5.53 -2.54
C LYS A 19 -29.03 -6.88 -2.77
N GLY A 20 -28.63 -7.89 -2.01
CA GLY A 20 -29.11 -9.26 -2.06
C GLY A 20 -28.42 -10.04 -3.18
N ASN A 21 -27.42 -9.44 -3.82
CA ASN A 21 -26.62 -10.09 -4.84
C ASN A 21 -25.65 -11.11 -4.23
N GLY A 22 -24.89 -11.77 -5.12
CA GLY A 22 -23.87 -12.70 -4.71
C GLY A 22 -22.57 -11.99 -4.37
N PHE A 23 -21.77 -12.64 -3.53
CA PHE A 23 -20.47 -12.17 -3.13
C PHE A 23 -19.58 -11.96 -4.34
N THR A 24 -19.50 -12.94 -5.25
CA THR A 24 -18.60 -12.91 -6.40
C THR A 24 -18.89 -11.69 -7.26
N PHE A 25 -20.15 -11.57 -7.68
CA PHE A 25 -20.59 -10.45 -8.49
C PHE A 25 -20.27 -9.14 -7.79
N CYS A 26 -20.60 -9.05 -6.50
CA CYS A 26 -20.27 -7.90 -5.70
C CYS A 26 -18.77 -7.71 -5.60
N GLU A 27 -17.97 -8.76 -5.57
CA GLU A 27 -16.51 -8.72 -5.52
C GLU A 27 -15.99 -8.01 -6.74
N MET A 28 -16.31 -8.51 -7.94
CA MET A 28 -15.91 -7.84 -9.18
C MET A 28 -16.53 -6.45 -9.34
N LYS A 29 -17.51 -6.11 -8.49
CA LYS A 29 -18.18 -4.83 -8.50
C LYS A 29 -17.56 -3.84 -7.53
N CYS A 30 -17.61 -4.12 -6.23
CA CYS A 30 -16.94 -3.41 -5.16
C CYS A 30 -15.48 -3.10 -5.52
N ASP A 31 -14.87 -3.97 -6.35
CA ASP A 31 -13.54 -3.75 -6.90
C ASP A 31 -13.51 -2.47 -7.72
N THR A 32 -14.30 -2.42 -8.78
CA THR A 32 -14.40 -1.23 -9.64
C THR A 32 -15.06 -0.07 -8.90
N ASP A 33 -15.93 -0.33 -7.92
CA ASP A 33 -16.57 0.69 -7.09
C ASP A 33 -15.51 1.59 -6.45
N CYS A 34 -14.84 1.05 -5.43
CA CYS A 34 -13.89 1.80 -4.67
C CYS A 34 -12.56 1.55 -5.34
N SER A 35 -12.16 2.41 -6.27
CA SER A 35 -10.90 2.30 -7.00
C SER A 35 -10.75 3.49 -7.92
N VAL A 36 -9.52 3.97 -8.03
CA VAL A 36 -9.18 5.10 -8.86
C VAL A 36 -9.11 4.65 -10.32
N LYS A 37 -8.73 5.56 -11.20
CA LYS A 37 -8.57 5.25 -12.61
C LYS A 37 -7.47 6.11 -13.20
N ASP A 38 -7.62 6.47 -14.47
CA ASP A 38 -6.70 7.33 -15.18
C ASP A 38 -7.44 8.55 -15.71
N VAL A 39 -6.99 9.74 -15.32
CA VAL A 39 -7.58 11.01 -15.74
C VAL A 39 -6.54 11.82 -16.50
N LYS A 40 -6.07 11.27 -17.63
CA LYS A 40 -5.05 11.95 -18.44
C LYS A 40 -5.37 13.43 -18.60
N GLU A 41 -4.49 14.27 -18.07
CA GLU A 41 -4.70 15.71 -18.05
C GLU A 41 -4.49 16.21 -19.46
N LYS A 42 -5.56 16.67 -20.11
CA LYS A 42 -5.53 17.18 -21.48
C LYS A 42 -4.39 18.18 -21.61
N LEU A 43 -3.32 17.79 -22.28
CA LEU A 43 -2.12 18.56 -22.48
C LEU A 43 -1.36 18.03 -23.68
N GLU A 44 -0.98 18.93 -24.57
CA GLU A 44 -0.22 18.61 -25.77
C GLU A 44 0.78 19.71 -26.07
N ASN A 45 1.63 19.47 -27.07
CA ASN A 45 2.57 20.46 -27.58
C ASN A 45 1.85 21.76 -27.98
N TYR A 46 2.65 22.72 -28.43
CA TYR A 46 2.15 24.00 -28.87
C TYR A 46 2.33 24.21 -30.37
N LYS A 47 2.05 25.42 -30.83
CA LYS A 47 2.26 25.82 -32.22
C LYS A 47 3.31 26.94 -32.31
N PRO A 48 4.59 26.58 -32.14
CA PRO A 48 5.65 27.57 -32.22
C PRO A 48 5.74 28.08 -33.66
N LYS A 49 6.19 29.34 -33.79
CA LYS A 49 6.45 29.92 -35.11
C LYS A 49 7.37 28.99 -35.92
N ASN A 50 7.44 29.24 -37.23
CA ASN A 50 8.30 28.48 -38.15
C ASN A 50 9.82 28.49 -37.78
N ASP A 1 -0.70 1.12 3.05
CA ASP A 1 -1.28 1.08 1.69
C ASP A 1 -0.54 -0.01 0.92
N GLU A 2 -0.79 -0.09 -0.38
CA GLU A 2 -0.25 -1.15 -1.21
C GLU A 2 -0.60 -0.89 -2.66
N ALA A 3 0.41 -0.69 -3.51
CA ALA A 3 0.21 -0.43 -4.93
C ALA A 3 1.56 -0.35 -5.63
N GLN A 4 2.09 0.86 -5.80
CA GLN A 4 3.40 1.10 -6.42
C GLN A 4 4.50 0.30 -5.73
N PHE A 5 4.27 -0.04 -4.46
CA PHE A 5 5.14 -0.88 -3.67
C PHE A 5 4.79 -2.34 -3.77
N LYS A 6 3.49 -2.69 -3.69
CA LYS A 6 3.03 -4.07 -3.85
C LYS A 6 3.42 -4.64 -5.21
N GLU A 7 3.56 -3.77 -6.21
CA GLU A 7 4.01 -4.15 -7.53
C GLU A 7 5.51 -4.30 -7.55
N CYS A 8 6.26 -3.48 -6.81
CA CYS A 8 7.70 -3.61 -6.73
C CYS A 8 8.05 -4.83 -5.91
N TYR A 9 7.39 -5.10 -4.80
CA TYR A 9 7.62 -6.26 -3.96
C TYR A 9 7.32 -7.54 -4.71
N ASP A 10 6.15 -7.64 -5.33
CA ASP A 10 5.74 -8.83 -6.07
C ASP A 10 6.67 -9.06 -7.26
N THR A 11 6.87 -7.99 -8.04
CA THR A 11 7.71 -8.02 -9.23
C THR A 11 9.16 -8.25 -8.85
N CYS A 12 9.66 -7.57 -7.83
CA CYS A 12 11.00 -7.75 -7.30
C CYS A 12 11.13 -9.19 -6.89
N HIS A 13 10.16 -9.77 -6.18
CA HIS A 13 10.16 -11.16 -5.77
C HIS A 13 10.37 -12.08 -6.97
N LYS A 14 9.78 -11.78 -8.12
CA LYS A 14 10.00 -12.51 -9.36
C LYS A 14 11.47 -12.56 -9.74
N GLU A 15 12.04 -11.42 -10.15
CA GLU A 15 13.47 -11.35 -10.48
C GLU A 15 14.37 -11.72 -9.27
N CYS A 16 13.80 -11.71 -8.06
CA CYS A 16 14.48 -12.08 -6.86
C CYS A 16 14.56 -13.60 -6.78
N SER A 17 13.44 -14.28 -6.57
CA SER A 17 13.35 -15.73 -6.52
C SER A 17 13.97 -16.36 -7.76
N ASP A 18 14.03 -15.63 -8.88
CA ASP A 18 14.76 -16.03 -10.09
C ASP A 18 16.21 -16.41 -9.76
N LYS A 19 16.85 -15.67 -8.85
CA LYS A 19 18.19 -15.99 -8.37
C LYS A 19 18.29 -17.39 -7.77
N GLY A 20 17.14 -18.01 -7.50
CA GLY A 20 17.02 -19.34 -6.94
C GLY A 20 17.23 -19.29 -5.44
N ASN A 21 17.06 -18.11 -4.84
CA ASN A 21 17.18 -17.93 -3.41
C ASN A 21 15.95 -18.46 -2.67
N GLY A 22 15.99 -18.37 -1.34
CA GLY A 22 14.85 -18.73 -0.52
C GLY A 22 13.80 -17.64 -0.56
N PHE A 23 12.54 -18.02 -0.78
CA PHE A 23 11.38 -17.12 -0.79
C PHE A 23 11.44 -16.06 0.29
N THR A 24 11.45 -16.48 1.55
CA THR A 24 11.54 -15.62 2.72
C THR A 24 12.65 -14.61 2.56
N PHE A 25 13.88 -15.07 2.31
CA PHE A 25 15.02 -14.20 2.09
C PHE A 25 14.74 -13.23 0.96
N CYS A 26 14.19 -13.72 -0.15
CA CYS A 26 13.79 -12.89 -1.24
C CYS A 26 12.77 -11.85 -0.81
N GLU A 27 11.85 -12.19 0.08
CA GLU A 27 10.86 -11.31 0.64
C GLU A 27 11.49 -10.26 1.53
N MET A 28 12.07 -10.63 2.68
CA MET A 28 12.74 -9.73 3.59
C MET A 28 13.71 -8.79 2.87
N LYS A 29 14.27 -9.26 1.75
CA LYS A 29 15.10 -8.46 0.89
C LYS A 29 14.30 -7.58 -0.03
N CYS A 30 13.50 -8.12 -0.94
CA CYS A 30 12.59 -7.38 -1.81
C CYS A 30 11.81 -6.30 -1.06
N ASP A 31 11.57 -6.54 0.24
CA ASP A 31 10.95 -5.60 1.16
C ASP A 31 11.77 -4.34 1.29
N THR A 32 13.01 -4.51 1.78
CA THR A 32 13.94 -3.40 1.93
C THR A 32 14.48 -2.95 0.58
N ASP A 33 14.45 -3.79 -0.44
CA ASP A 33 14.90 -3.51 -1.79
C ASP A 33 14.19 -2.26 -2.31
N CYS A 34 12.91 -2.42 -2.64
CA CYS A 34 12.13 -1.33 -3.14
C CYS A 34 11.70 -0.47 -1.96
N SER A 35 12.56 0.46 -1.54
CA SER A 35 12.29 1.34 -0.43
C SER A 35 13.18 2.57 -0.54
N VAL A 36 12.57 3.73 -0.36
CA VAL A 36 13.26 5.01 -0.43
C VAL A 36 14.04 5.23 0.86
N LYS A 37 14.63 6.41 1.00
CA LYS A 37 15.38 6.78 2.19
C LYS A 37 15.07 8.22 2.58
N ASP A 38 16.00 8.84 3.31
CA ASP A 38 15.91 10.23 3.65
C ASP A 38 16.47 11.13 2.54
N VAL A 39 16.18 12.43 2.64
CA VAL A 39 16.67 13.42 1.70
C VAL A 39 17.53 14.43 2.45
N LYS A 40 18.68 13.95 2.95
CA LYS A 40 19.61 14.83 3.67
C LYS A 40 19.79 16.16 2.95
N GLU A 41 20.18 17.18 3.69
CA GLU A 41 20.33 18.51 3.13
C GLU A 41 21.24 18.49 1.89
N LYS A 42 21.17 19.54 1.10
CA LYS A 42 21.99 19.64 -0.09
C LYS A 42 23.22 20.45 0.28
N LEU A 43 24.21 19.77 0.88
CA LEU A 43 25.49 20.38 1.22
C LEU A 43 26.02 21.24 0.06
N GLU A 44 26.78 22.26 0.42
CA GLU A 44 27.30 23.18 -0.57
C GLU A 44 28.51 23.91 -0.01
N ASN A 45 29.18 24.66 -0.87
CA ASN A 45 30.34 25.44 -0.52
C ASN A 45 30.65 26.46 -1.60
N TYR A 46 31.53 27.40 -1.27
CA TYR A 46 31.92 28.43 -2.20
C TYR A 46 33.39 28.79 -2.01
N LYS A 47 33.93 29.57 -2.94
CA LYS A 47 35.30 30.08 -2.83
C LYS A 47 35.38 31.48 -3.43
N PRO A 48 34.80 32.48 -2.77
CA PRO A 48 34.83 33.84 -3.25
C PRO A 48 36.24 34.41 -3.11
N LYS A 49 36.73 35.05 -4.18
CA LYS A 49 38.04 35.70 -4.17
C LYS A 49 38.13 36.61 -2.94
N ASN A 50 39.34 36.70 -2.38
CA ASN A 50 39.60 37.59 -1.25
C ASN A 50 39.01 38.99 -1.48
N ASP A 1 -0.69 1.18 3.03
CA ASP A 1 -1.24 1.05 1.67
C ASP A 1 -2.28 -0.01 1.64
N GLU A 2 -1.92 -1.22 2.09
CA GLU A 2 -2.83 -2.36 2.21
C GLU A 2 -3.38 -2.77 0.83
N ALA A 3 -2.92 -3.90 0.32
CA ALA A 3 -3.34 -4.32 -1.03
C ALA A 3 -3.42 -5.83 -1.10
N GLN A 4 -2.35 -6.47 -1.59
CA GLN A 4 -2.26 -7.92 -1.64
C GLN A 4 -2.49 -8.59 -0.28
N PHE A 5 -2.24 -7.86 0.81
CA PHE A 5 -2.50 -8.26 2.18
C PHE A 5 -3.90 -7.85 2.62
N LYS A 6 -4.34 -6.63 2.32
CA LYS A 6 -5.70 -6.17 2.66
C LYS A 6 -6.75 -7.03 2.00
N GLU A 7 -6.44 -7.60 0.85
CA GLU A 7 -7.31 -8.52 0.17
C GLU A 7 -7.28 -9.88 0.83
N CYS A 8 -6.12 -10.34 1.32
CA CYS A 8 -6.03 -11.60 2.03
C CYS A 8 -6.70 -11.47 3.38
N TYR A 9 -6.51 -10.39 4.13
CA TYR A 9 -7.13 -10.15 5.41
C TYR A 9 -8.64 -10.08 5.29
N ASP A 10 -9.15 -9.26 4.37
CA ASP A 10 -10.59 -9.08 4.16
C ASP A 10 -11.21 -10.41 3.69
N THR A 11 -10.62 -10.98 2.66
CA THR A 11 -11.07 -12.24 2.05
C THR A 11 -10.95 -13.39 3.03
N CYS A 12 -9.81 -13.49 3.73
CA CYS A 12 -9.59 -14.46 4.79
C CYS A 12 -10.67 -14.31 5.82
N HIS A 13 -10.98 -13.08 6.26
CA HIS A 13 -12.06 -12.80 7.20
C HIS A 13 -13.38 -13.40 6.75
N LYS A 14 -13.68 -13.35 5.46
CA LYS A 14 -14.86 -14.00 4.88
C LYS A 14 -14.93 -15.49 5.23
N GLU A 15 -13.98 -16.28 4.73
CA GLU A 15 -13.85 -17.70 5.10
C GLU A 15 -13.52 -17.90 6.60
N CYS A 16 -13.18 -16.82 7.31
CA CYS A 16 -12.86 -16.86 8.72
C CYS A 16 -14.14 -16.78 9.54
N SER A 17 -14.92 -15.72 9.41
CA SER A 17 -16.24 -15.55 10.02
C SER A 17 -17.17 -16.73 9.73
N ASP A 18 -16.94 -17.46 8.63
CA ASP A 18 -17.60 -18.73 8.33
C ASP A 18 -17.51 -19.73 9.49
N LYS A 19 -16.41 -19.70 10.25
CA LYS A 19 -16.24 -20.51 11.45
C LYS A 19 -17.30 -20.21 12.51
N GLY A 20 -18.06 -19.13 12.33
CA GLY A 20 -19.11 -18.65 13.20
C GLY A 20 -18.53 -17.84 14.36
N ASN A 21 -17.23 -17.56 14.33
CA ASN A 21 -16.56 -16.73 15.31
C ASN A 21 -16.90 -15.24 15.11
N GLY A 22 -16.34 -14.41 15.99
CA GLY A 22 -16.48 -12.97 15.90
C GLY A 22 -15.46 -12.38 14.94
N PHE A 23 -15.83 -11.22 14.39
CA PHE A 23 -14.98 -10.46 13.51
C PHE A 23 -13.66 -10.14 14.17
N THR A 24 -13.67 -9.63 15.40
CA THR A 24 -12.49 -9.17 16.11
C THR A 24 -11.48 -10.30 16.27
N PHE A 25 -11.93 -11.40 16.85
CA PHE A 25 -11.11 -12.59 17.04
C PHE A 25 -10.54 -13.05 15.71
N CYS A 26 -11.39 -13.11 14.67
CA CYS A 26 -10.96 -13.43 13.34
C CYS A 26 -10.01 -12.40 12.79
N GLU A 27 -10.14 -11.12 13.12
CA GLU A 27 -9.27 -10.03 12.71
C GLU A 27 -7.87 -10.32 13.23
N MET A 28 -7.71 -10.45 14.54
CA MET A 28 -6.42 -10.80 15.13
C MET A 28 -5.89 -12.17 14.67
N LYS A 29 -6.73 -12.98 14.01
CA LYS A 29 -6.38 -14.29 13.49
C LYS A 29 -5.97 -14.25 12.04
N CYS A 30 -6.88 -13.86 11.13
CA CYS A 30 -6.65 -13.58 9.73
C CYS A 30 -5.41 -12.72 9.50
N ASP A 31 -5.07 -11.87 10.49
CA ASP A 31 -3.83 -11.10 10.51
C ASP A 31 -2.62 -12.01 10.42
N THR A 32 -2.49 -12.87 11.43
CA THR A 32 -1.39 -13.84 11.49
C THR A 32 -1.56 -14.93 10.44
N ASP A 33 -2.79 -15.24 10.01
CA ASP A 33 -3.08 -16.21 8.95
C ASP A 33 -2.30 -15.87 7.69
N CYS A 34 -2.72 -14.80 7.01
CA CYS A 34 -2.12 -14.39 5.76
C CYS A 34 -0.89 -13.57 6.08
N SER A 35 0.14 -14.22 6.60
CA SER A 35 1.39 -13.60 6.98
C SER A 35 2.38 -14.68 7.43
N VAL A 36 3.64 -14.48 7.11
CA VAL A 36 4.73 -15.37 7.48
C VAL A 36 5.09 -15.16 8.95
N LYS A 37 6.09 -15.88 9.43
CA LYS A 37 6.58 -15.79 10.81
C LYS A 37 7.84 -16.64 10.97
N ASP A 38 8.10 -17.06 12.21
CA ASP A 38 9.17 -17.98 12.54
C ASP A 38 8.73 -19.43 12.35
N VAL A 39 9.69 -20.34 12.33
CA VAL A 39 9.47 -21.78 12.17
C VAL A 39 10.39 -22.46 13.18
N LYS A 40 9.96 -22.49 14.44
CA LYS A 40 10.68 -23.19 15.51
C LYS A 40 11.08 -24.58 15.05
N GLU A 41 12.33 -24.92 15.32
CA GLU A 41 12.87 -26.21 14.92
C GLU A 41 12.14 -27.34 15.67
N LYS A 42 12.35 -28.57 15.20
CA LYS A 42 11.80 -29.72 15.88
C LYS A 42 12.77 -30.11 16.99
N LEU A 43 12.39 -29.84 18.25
CA LEU A 43 13.16 -30.20 19.44
C LEU A 43 13.63 -31.65 19.38
N GLU A 44 14.69 -31.97 20.11
CA GLU A 44 15.26 -33.31 20.08
C GLU A 44 15.51 -33.80 21.49
N ASN A 45 15.78 -35.09 21.61
CA ASN A 45 16.13 -35.69 22.88
C ASN A 45 16.75 -37.06 22.63
N TYR A 46 17.36 -37.60 23.68
CA TYR A 46 17.95 -38.92 23.65
C TYR A 46 17.17 -39.88 24.54
N LYS A 47 17.54 -41.15 24.48
CA LYS A 47 16.97 -42.19 25.34
C LYS A 47 18.05 -43.01 26.02
N PRO A 48 17.75 -43.60 27.19
CA PRO A 48 18.67 -44.44 27.91
C PRO A 48 18.89 -45.77 27.19
N LYS A 49 19.66 -46.65 27.82
CA LYS A 49 19.87 -48.00 27.34
C LYS A 49 19.14 -48.99 28.24
N ASN A 50 19.13 -50.27 27.83
CA ASN A 50 18.53 -51.39 28.56
C ASN A 50 18.85 -51.29 30.06
N ASP A 1 -0.70 1.15 3.05
CA ASP A 1 -1.30 1.10 1.71
C ASP A 1 -0.66 -0.06 0.99
N GLU A 2 -1.45 -0.89 0.32
CA GLU A 2 -0.93 -1.96 -0.52
C GLU A 2 -0.86 -1.51 -1.97
N ALA A 3 -1.38 -0.32 -2.32
CA ALA A 3 -1.36 0.17 -3.69
C ALA A 3 0.06 0.29 -4.25
N GLN A 4 0.95 0.93 -3.50
CA GLN A 4 2.36 1.03 -3.87
C GLN A 4 2.98 -0.31 -4.31
N PHE A 5 2.51 -1.41 -3.73
CA PHE A 5 2.91 -2.77 -4.05
C PHE A 5 1.99 -3.32 -5.14
N LYS A 6 0.66 -3.08 -5.12
CA LYS A 6 -0.31 -3.53 -6.13
C LYS A 6 0.16 -3.09 -7.50
N GLU A 7 0.78 -1.91 -7.57
CA GLU A 7 1.32 -1.37 -8.79
C GLU A 7 2.57 -2.12 -9.18
N CYS A 8 3.43 -2.44 -8.22
CA CYS A 8 4.60 -3.23 -8.48
C CYS A 8 4.22 -4.62 -8.92
N TYR A 9 3.29 -5.27 -8.25
CA TYR A 9 2.82 -6.61 -8.58
C TYR A 9 2.20 -6.66 -9.97
N ASP A 10 1.23 -5.78 -10.25
CA ASP A 10 0.56 -5.70 -11.54
C ASP A 10 1.56 -5.38 -12.65
N THR A 11 2.32 -4.30 -12.45
CA THR A 11 3.32 -3.81 -13.39
C THR A 11 4.43 -4.84 -13.56
N CYS A 12 4.94 -5.41 -12.48
CA CYS A 12 5.90 -6.50 -12.50
C CYS A 12 5.34 -7.63 -13.32
N HIS A 13 4.09 -8.05 -13.07
CA HIS A 13 3.42 -9.09 -13.85
C HIS A 13 3.48 -8.82 -15.33
N LYS A 14 3.35 -7.57 -15.75
CA LYS A 14 3.51 -7.16 -17.15
C LYS A 14 4.87 -7.57 -17.70
N GLU A 15 5.95 -6.96 -17.22
CA GLU A 15 7.33 -7.31 -17.59
C GLU A 15 7.69 -8.77 -17.22
N CYS A 16 6.87 -9.40 -16.38
CA CYS A 16 7.04 -10.77 -15.97
C CYS A 16 6.48 -11.70 -17.05
N SER A 17 5.17 -11.68 -17.26
CA SER A 17 4.49 -12.43 -18.32
C SER A 17 5.13 -12.20 -19.68
N ASP A 18 5.78 -11.05 -19.89
CA ASP A 18 6.61 -10.75 -21.07
C ASP A 18 7.61 -11.87 -21.33
N LYS A 19 8.19 -12.47 -20.27
CA LYS A 19 9.10 -13.60 -20.39
C LYS A 19 8.46 -14.80 -21.08
N GLY A 20 7.14 -14.76 -21.25
CA GLY A 20 6.32 -15.79 -21.88
C GLY A 20 5.99 -16.91 -20.91
N ASN A 21 6.17 -16.64 -19.61
CA ASN A 21 5.87 -17.58 -18.55
C ASN A 21 4.38 -17.62 -18.25
N GLY A 22 4.01 -18.51 -17.32
CA GLY A 22 2.63 -18.57 -16.84
C GLY A 22 2.34 -17.47 -15.84
N PHE A 23 1.12 -16.95 -15.89
CA PHE A 23 0.62 -15.95 -14.96
C PHE A 23 0.88 -16.32 -13.51
N THR A 24 0.60 -17.57 -13.14
CA THR A 24 0.76 -18.09 -11.78
C THR A 24 2.20 -17.97 -11.30
N PHE A 25 3.10 -18.64 -11.99
CA PHE A 25 4.52 -18.57 -11.68
C PHE A 25 4.98 -17.12 -11.65
N CYS A 26 4.55 -16.33 -12.64
CA CYS A 26 4.86 -14.93 -12.68
C CYS A 26 4.32 -14.22 -11.47
N GLU A 27 3.15 -14.59 -10.97
CA GLU A 27 2.52 -14.06 -9.77
C GLU A 27 3.31 -14.39 -8.53
N MET A 28 3.40 -15.67 -8.16
CA MET A 28 4.15 -16.14 -7.00
C MET A 28 5.58 -15.58 -6.97
N LYS A 29 6.11 -15.27 -8.16
CA LYS A 29 7.38 -14.62 -8.31
C LYS A 29 7.27 -13.13 -8.13
N CYS A 30 6.53 -12.42 -8.96
CA CYS A 30 6.25 -10.98 -8.89
C CYS A 30 5.90 -10.56 -7.46
N ASP A 31 5.34 -11.48 -6.68
CA ASP A 31 5.03 -11.33 -5.28
C ASP A 31 6.31 -11.08 -4.48
N THR A 32 7.19 -12.08 -4.51
CA THR A 32 8.48 -11.99 -3.85
C THR A 32 9.44 -11.08 -4.62
N ASP A 33 9.18 -10.78 -5.89
CA ASP A 33 10.01 -9.93 -6.72
C ASP A 33 10.18 -8.55 -6.09
N CYS A 34 9.08 -7.79 -6.05
CA CYS A 34 9.05 -6.45 -5.47
C CYS A 34 9.06 -6.53 -3.94
N SER A 35 10.14 -7.07 -3.41
CA SER A 35 10.37 -7.34 -2.00
C SER A 35 11.61 -8.21 -1.81
N VAL A 36 12.25 -8.11 -0.66
CA VAL A 36 13.37 -8.95 -0.29
C VAL A 36 12.85 -10.28 0.24
N LYS A 37 13.75 -11.16 0.68
CA LYS A 37 13.43 -12.46 1.24
C LYS A 37 14.69 -13.09 1.84
N ASP A 38 14.62 -14.38 2.13
CA ASP A 38 15.72 -15.16 2.67
C ASP A 38 16.22 -16.13 1.59
N VAL A 39 17.48 -15.96 1.18
CA VAL A 39 18.11 -16.80 0.19
C VAL A 39 19.33 -17.47 0.80
N LYS A 40 19.14 -18.21 1.90
CA LYS A 40 20.23 -18.88 2.60
C LYS A 40 21.18 -19.58 1.61
N GLU A 41 22.26 -18.90 1.24
CA GLU A 41 23.24 -19.33 0.23
C GLU A 41 24.46 -19.91 0.93
N LYS A 42 24.18 -20.57 2.07
CA LYS A 42 25.19 -21.23 2.88
C LYS A 42 25.10 -22.74 2.73
N LEU A 43 24.78 -23.19 1.50
CA LEU A 43 24.68 -24.59 1.14
C LEU A 43 25.90 -25.34 1.66
N GLU A 44 25.72 -26.63 1.90
CA GLU A 44 26.79 -27.45 2.44
C GLU A 44 26.45 -28.92 2.22
N ASN A 45 27.39 -29.64 1.61
CA ASN A 45 27.24 -31.07 1.42
C ASN A 45 27.27 -31.80 2.76
N TYR A 46 26.93 -33.08 2.72
CA TYR A 46 26.90 -33.94 3.88
C TYR A 46 27.65 -35.22 3.56
N LYS A 47 28.36 -35.76 4.55
CA LYS A 47 29.16 -36.98 4.47
C LYS A 47 30.03 -37.18 5.70
N PRO A 48 30.93 -36.22 6.02
CA PRO A 48 31.77 -36.26 7.21
C PRO A 48 30.95 -35.94 8.47
N LYS A 49 29.89 -36.73 8.73
CA LYS A 49 29.00 -36.55 9.87
C LYS A 49 29.78 -36.27 11.15
N ASN A 50 30.48 -37.29 11.64
CA ASN A 50 31.43 -37.21 12.75
C ASN A 50 32.87 -37.10 12.24
N ASP A 1 -0.75 1.14 3.09
CA ASP A 1 -1.32 1.08 1.72
C ASP A 1 -0.31 1.58 0.71
N GLU A 2 0.97 1.70 1.11
CA GLU A 2 2.02 2.18 0.22
C GLU A 2 2.16 1.24 -0.97
N ALA A 3 1.66 0.00 -0.89
CA ALA A 3 1.60 -0.93 -2.00
C ALA A 3 0.94 -0.35 -3.25
N GLN A 4 -0.26 0.26 -3.13
CA GLN A 4 -0.91 0.98 -4.22
C GLN A 4 0.00 1.95 -4.98
N PHE A 5 0.96 2.55 -4.28
CA PHE A 5 2.04 3.35 -4.83
C PHE A 5 3.25 2.53 -5.23
N LYS A 6 3.71 1.56 -4.45
CA LYS A 6 4.82 0.66 -4.76
C LYS A 6 4.58 -0.10 -6.05
N GLU A 7 3.31 -0.36 -6.37
CA GLU A 7 2.92 -0.96 -7.62
C GLU A 7 2.92 0.08 -8.73
N CYS A 8 2.50 1.31 -8.46
CA CYS A 8 2.58 2.35 -9.47
C CYS A 8 4.02 2.72 -9.74
N TYR A 9 4.89 2.85 -8.75
CA TYR A 9 6.31 3.16 -8.90
C TYR A 9 7.03 2.07 -9.67
N ASP A 10 6.89 0.80 -9.24
CA ASP A 10 7.54 -0.34 -9.91
C ASP A 10 7.06 -0.47 -11.34
N THR A 11 5.72 -0.47 -11.50
CA THR A 11 5.07 -0.62 -12.80
C THR A 11 5.34 0.58 -13.70
N CYS A 12 5.26 1.78 -13.14
CA CYS A 12 5.61 3.01 -13.83
C CYS A 12 7.04 2.91 -14.28
N HIS A 13 7.97 2.48 -13.41
CA HIS A 13 9.36 2.27 -13.77
C HIS A 13 9.51 1.36 -14.97
N LYS A 14 8.70 0.32 -15.11
CA LYS A 14 8.65 -0.54 -16.30
C LYS A 14 8.41 0.25 -17.58
N GLU A 15 7.20 0.79 -17.76
CA GLU A 15 6.88 1.66 -18.91
C GLU A 15 7.77 2.93 -18.97
N CYS A 16 8.43 3.27 -17.87
CA CYS A 16 9.34 4.37 -17.80
C CYS A 16 10.67 4.00 -18.42
N SER A 17 11.42 3.06 -17.80
CA SER A 17 12.69 2.55 -18.30
C SER A 17 12.55 1.98 -19.71
N ASP A 18 11.34 1.58 -20.13
CA ASP A 18 11.00 1.26 -21.53
C ASP A 18 11.42 2.37 -22.49
N LYS A 19 11.21 3.64 -22.11
CA LYS A 19 11.69 4.76 -22.89
C LYS A 19 13.19 4.75 -23.18
N GLY A 20 13.93 3.88 -22.49
CA GLY A 20 15.35 3.66 -22.61
C GLY A 20 16.09 4.74 -21.84
N ASN A 21 15.41 5.41 -20.90
CA ASN A 21 16.03 6.42 -20.06
C ASN A 21 16.92 5.80 -18.97
N GLY A 22 17.55 6.67 -18.19
CA GLY A 22 18.33 6.22 -17.04
C GLY A 22 17.41 5.81 -15.90
N PHE A 23 17.66 4.64 -15.31
CA PHE A 23 16.93 4.08 -14.18
C PHE A 23 16.59 5.12 -13.12
N THR A 24 17.61 5.80 -12.61
CA THR A 24 17.51 6.88 -11.63
C THR A 24 16.52 7.94 -12.05
N PHE A 25 16.74 8.54 -13.23
CA PHE A 25 15.82 9.53 -13.78
C PHE A 25 14.42 8.99 -13.86
N CYS A 26 14.28 7.75 -14.34
CA CYS A 26 13.02 7.07 -14.36
C CYS A 26 12.41 6.93 -12.99
N GLU A 27 13.20 6.67 -11.96
CA GLU A 27 12.79 6.61 -10.56
C GLU A 27 12.36 7.97 -10.06
N MET A 28 13.25 8.97 -9.94
CA MET A 28 12.92 10.32 -9.49
C MET A 28 11.70 10.92 -10.20
N LYS A 29 11.49 10.49 -11.46
CA LYS A 29 10.32 10.81 -12.24
C LYS A 29 9.12 9.98 -11.86
N CYS A 30 9.12 8.65 -12.03
CA CYS A 30 8.07 7.72 -11.60
C CYS A 30 7.60 7.97 -10.16
N ASP A 31 8.50 8.51 -9.32
CA ASP A 31 8.22 8.96 -7.97
C ASP A 31 7.18 10.06 -7.95
N THR A 32 7.52 11.18 -8.58
CA THR A 32 6.62 12.31 -8.72
C THR A 32 5.48 12.03 -9.70
N ASP A 33 5.67 11.11 -10.65
CA ASP A 33 4.69 10.72 -11.65
C ASP A 33 3.40 10.27 -10.96
N CYS A 34 3.46 9.10 -10.34
CA CYS A 34 2.34 8.58 -9.60
C CYS A 34 2.39 9.15 -8.18
N SER A 35 2.60 10.45 -7.99
CA SER A 35 2.67 11.12 -6.67
C SER A 35 1.28 11.24 -6.07
N VAL A 36 0.76 10.10 -5.63
CA VAL A 36 -0.55 9.97 -5.04
C VAL A 36 -0.47 10.48 -3.61
N LYS A 37 -1.56 10.36 -2.87
CA LYS A 37 -1.63 10.79 -1.49
C LYS A 37 -2.82 10.14 -0.79
N ASP A 38 -2.56 9.10 -0.03
CA ASP A 38 -3.62 8.39 0.68
C ASP A 38 -2.98 7.65 1.83
N VAL A 39 -3.43 7.94 3.06
CA VAL A 39 -2.92 7.27 4.26
C VAL A 39 -4.06 6.69 5.08
N LYS A 40 -5.08 6.17 4.40
CA LYS A 40 -6.28 5.65 5.06
C LYS A 40 -5.91 4.82 6.28
N GLU A 41 -6.50 5.22 7.42
CA GLU A 41 -6.17 4.58 8.68
C GLU A 41 -6.69 3.17 8.60
N LYS A 42 -5.81 2.18 8.75
CA LYS A 42 -6.15 0.76 8.82
C LYS A 42 -6.88 0.40 10.13
N LEU A 43 -8.03 1.03 10.35
CA LEU A 43 -8.86 0.85 11.52
C LEU A 43 -10.16 1.59 11.29
N GLU A 44 -11.26 0.96 11.68
CA GLU A 44 -12.58 1.55 11.63
C GLU A 44 -13.60 0.67 12.37
N ASN A 45 -13.41 0.49 13.68
CA ASN A 45 -14.32 -0.33 14.47
C ASN A 45 -13.91 -0.27 15.93
N TYR A 46 -14.88 -0.27 16.83
CA TYR A 46 -14.59 -0.17 18.26
C TYR A 46 -15.87 -0.36 19.05
N LYS A 47 -16.01 -1.50 19.72
CA LYS A 47 -17.18 -1.78 20.56
C LYS A 47 -16.88 -2.96 21.49
N PRO A 48 -16.20 -2.70 22.61
CA PRO A 48 -15.85 -3.74 23.57
C PRO A 48 -17.10 -4.22 24.28
N LYS A 49 -17.03 -5.40 24.90
CA LYS A 49 -18.15 -6.01 25.65
C LYS A 49 -18.78 -4.98 26.60
N ASN A 50 -20.10 -4.91 26.61
CA ASN A 50 -20.91 -3.93 27.34
C ASN A 50 -22.40 -4.31 27.27
N ASP A 1 -0.72 1.08 3.06
CA ASP A 1 -1.31 1.02 1.71
C ASP A 1 -1.33 2.39 1.07
N GLU A 2 -0.54 3.34 1.57
CA GLU A 2 -0.50 4.72 1.08
C GLU A 2 -1.81 5.46 1.32
N ALA A 3 -2.85 5.19 0.54
CA ALA A 3 -4.18 5.76 0.69
C ALA A 3 -4.68 5.67 2.13
N GLN A 4 -4.55 4.50 2.77
CA GLN A 4 -4.90 4.33 4.19
C GLN A 4 -4.32 5.44 5.11
N PHE A 5 -3.15 5.95 4.77
CA PHE A 5 -2.47 7.09 5.40
C PHE A 5 -2.93 8.41 4.76
N LYS A 6 -3.05 8.52 3.43
CA LYS A 6 -3.54 9.73 2.75
C LYS A 6 -4.91 10.14 3.26
N GLU A 7 -5.71 9.18 3.69
CA GLU A 7 -7.00 9.41 4.30
C GLU A 7 -6.84 9.84 5.74
N CYS A 8 -5.87 9.30 6.48
CA CYS A 8 -5.60 9.74 7.83
C CYS A 8 -5.01 11.14 7.82
N TYR A 9 -4.07 11.47 6.95
CA TYR A 9 -3.46 12.77 6.83
C TYR A 9 -4.49 13.84 6.45
N ASP A 10 -5.25 13.58 5.39
CA ASP A 10 -6.28 14.51 4.90
C ASP A 10 -7.34 14.72 5.99
N THR A 11 -7.88 13.60 6.49
CA THR A 11 -8.92 13.59 7.50
C THR A 11 -8.42 14.18 8.80
N CYS A 12 -7.22 13.78 9.24
CA CYS A 12 -6.55 14.32 10.42
C CYS A 12 -6.43 15.81 10.25
N HIS A 13 -6.00 16.30 9.08
CA HIS A 13 -5.92 17.71 8.75
C HIS A 13 -7.25 18.41 8.98
N LYS A 14 -8.37 17.78 8.64
CA LYS A 14 -9.69 18.33 8.93
C LYS A 14 -9.88 18.67 10.40
N GLU A 15 -9.85 17.69 11.28
CA GLU A 15 -9.88 17.92 12.74
C GLU A 15 -8.63 18.68 13.24
N CYS A 16 -7.61 18.82 12.40
CA CYS A 16 -6.41 19.54 12.73
C CYS A 16 -6.61 21.03 12.52
N SER A 17 -6.88 21.47 11.29
CA SER A 17 -7.20 22.84 10.95
C SER A 17 -8.33 23.39 11.80
N ASP A 18 -9.20 22.53 12.35
CA ASP A 18 -10.20 22.89 13.37
C ASP A 18 -9.57 23.64 14.56
N LYS A 19 -8.34 23.27 14.95
CA LYS A 19 -7.60 23.98 15.97
C LYS A 19 -7.36 25.45 15.63
N GLY A 20 -7.60 25.82 14.38
CA GLY A 20 -7.44 27.16 13.84
C GLY A 20 -5.98 27.40 13.48
N ASN A 21 -5.18 26.34 13.41
CA ASN A 21 -3.79 26.43 13.03
C ASN A 21 -3.61 26.58 11.51
N GLY A 22 -2.36 26.72 11.09
CA GLY A 22 -2.04 26.76 9.67
C GLY A 22 -2.00 25.36 9.08
N PHE A 23 -2.39 25.25 7.81
CA PHE A 23 -2.34 24.04 7.03
C PHE A 23 -0.98 23.39 7.14
N THR A 24 0.10 24.14 6.95
CA THR A 24 1.46 23.62 6.95
C THR A 24 1.79 22.94 8.27
N PHE A 25 1.70 23.69 9.37
CA PHE A 25 1.95 23.16 10.69
C PHE A 25 1.08 21.95 10.95
N CYS A 26 -0.21 22.07 10.67
CA CYS A 26 -1.13 20.97 10.79
C CYS A 26 -0.72 19.81 9.89
N GLU A 27 -0.15 20.06 8.72
CA GLU A 27 0.35 19.07 7.76
C GLU A 27 1.49 18.30 8.38
N MET A 28 2.62 18.96 8.65
CA MET A 28 3.78 18.32 9.27
C MET A 28 3.41 17.62 10.58
N LYS A 29 2.39 18.15 11.28
CA LYS A 29 1.90 17.55 12.51
C LYS A 29 1.07 16.32 12.23
N CYS A 30 -0.06 16.45 11.54
CA CYS A 30 -0.91 15.37 11.07
C CYS A 30 -0.09 14.24 10.45
N ASP A 31 1.07 14.57 9.88
CA ASP A 31 2.04 13.63 9.35
C ASP A 31 2.54 12.67 10.44
N THR A 32 3.17 13.26 11.47
CA THR A 32 3.65 12.50 12.62
C THR A 32 2.51 12.03 13.51
N ASP A 33 1.35 12.68 13.45
CA ASP A 33 0.15 12.30 14.20
C ASP A 33 -0.20 10.85 13.91
N CYS A 34 -0.71 10.61 12.70
CA CYS A 34 -1.16 9.29 12.28
C CYS A 34 0.04 8.47 11.82
N SER A 35 1.07 8.41 12.66
CA SER A 35 2.34 7.77 12.41
C SER A 35 3.27 7.97 13.63
N VAL A 36 2.77 7.63 14.82
CA VAL A 36 3.58 7.68 16.05
C VAL A 36 4.81 6.79 15.91
N LYS A 37 5.52 6.62 17.01
CA LYS A 37 6.65 5.71 17.06
C LYS A 37 7.19 5.57 18.46
N ASP A 38 7.15 6.67 19.21
CA ASP A 38 7.60 6.72 20.58
C ASP A 38 7.00 7.94 21.26
N VAL A 39 6.87 7.88 22.58
CA VAL A 39 6.28 8.95 23.38
C VAL A 39 6.96 8.93 24.73
N LYS A 40 8.18 9.46 24.79
CA LYS A 40 8.96 9.52 26.03
C LYS A 40 8.08 10.05 27.15
N GLU A 41 8.16 9.39 28.30
CA GLU A 41 7.36 9.80 29.46
C GLU A 41 7.66 11.25 29.81
N LYS A 42 6.63 11.96 30.27
CA LYS A 42 6.76 13.34 30.69
C LYS A 42 7.50 13.35 32.03
N LEU A 43 8.82 13.17 31.99
CA LEU A 43 9.68 13.17 33.16
C LEU A 43 9.38 14.43 33.98
N GLU A 44 9.57 14.33 35.28
CA GLU A 44 9.29 15.41 36.21
C GLU A 44 10.43 15.56 37.19
N ASN A 45 10.52 16.75 37.78
CA ASN A 45 11.56 17.06 38.73
C ASN A 45 11.03 18.04 39.76
N TYR A 46 11.16 17.71 41.03
CA TYR A 46 10.67 18.55 42.11
C TYR A 46 11.27 18.10 43.44
N LYS A 47 10.98 18.84 44.51
CA LYS A 47 11.37 18.50 45.87
C LYS A 47 10.12 18.26 46.73
N PRO A 48 9.53 17.06 46.64
CA PRO A 48 8.36 16.72 47.44
C PRO A 48 8.75 16.58 48.91
N LYS A 49 7.74 16.70 49.79
CA LYS A 49 7.94 16.53 51.23
C LYS A 49 8.65 15.20 51.52
N ASN A 50 9.38 15.15 52.62
CA ASN A 50 10.03 13.94 53.11
C ASN A 50 9.11 13.14 54.05
N ASP A 1 -0.75 1.16 3.07
CA ASP A 1 -1.32 1.09 1.70
C ASP A 1 -0.22 0.76 0.72
N GLU A 2 0.87 1.53 0.76
CA GLU A 2 2.01 1.43 -0.16
C GLU A 2 3.29 1.22 0.65
N ALA A 3 3.59 2.11 1.59
CA ALA A 3 4.79 1.99 2.43
C ALA A 3 4.90 0.65 3.15
N GLN A 4 3.79 0.13 3.69
CA GLN A 4 3.69 -1.21 4.29
C GLN A 4 4.28 -2.32 3.40
N PHE A 5 4.13 -2.17 2.08
CA PHE A 5 4.64 -3.02 1.02
C PHE A 5 6.06 -2.58 0.65
N LYS A 6 6.33 -1.27 0.45
CA LYS A 6 7.68 -0.76 0.16
C LYS A 6 8.67 -1.19 1.23
N GLU A 7 8.21 -1.33 2.47
CA GLU A 7 9.03 -1.82 3.56
C GLU A 7 9.20 -3.32 3.47
N CYS A 8 8.18 -4.07 3.06
CA CYS A 8 8.30 -5.50 2.85
C CYS A 8 9.18 -5.78 1.66
N TYR A 9 9.04 -5.08 0.55
CA TYR A 9 9.87 -5.23 -0.64
C TYR A 9 11.33 -4.94 -0.36
N ASP A 10 11.62 -3.76 0.22
CA ASP A 10 12.98 -3.34 0.54
C ASP A 10 13.62 -4.31 1.55
N THR A 11 12.89 -4.55 2.64
CA THR A 11 13.33 -5.43 3.72
C THR A 11 13.43 -6.87 3.24
N CYS A 12 12.46 -7.37 2.50
CA CYS A 12 12.49 -8.68 1.86
C CYS A 12 13.71 -8.75 0.97
N HIS A 13 13.98 -7.72 0.14
CA HIS A 13 15.18 -7.65 -0.69
C HIS A 13 16.46 -7.81 0.10
N LYS A 14 16.52 -7.30 1.33
CA LYS A 14 17.64 -7.53 2.24
C LYS A 14 17.86 -9.01 2.53
N GLU A 15 16.96 -9.66 3.26
CA GLU A 15 17.01 -11.12 3.50
C GLU A 15 17.00 -11.95 2.19
N CYS A 16 16.55 -11.36 1.09
CA CYS A 16 16.54 -11.99 -0.19
C CYS A 16 17.92 -12.00 -0.81
N SER A 17 18.46 -10.83 -1.14
CA SER A 17 19.82 -10.66 -1.67
C SER A 17 20.88 -11.23 -0.72
N ASP A 18 20.56 -11.39 0.57
CA ASP A 18 21.36 -12.12 1.57
C ASP A 18 21.67 -13.55 1.10
N LYS A 19 20.73 -14.21 0.40
CA LYS A 19 20.95 -15.52 -0.20
C LYS A 19 22.10 -15.54 -1.21
N GLY A 20 22.58 -14.37 -1.59
CA GLY A 20 23.66 -14.12 -2.54
C GLY A 20 23.15 -14.21 -3.97
N ASN A 21 21.84 -14.10 -4.16
CA ASN A 21 21.22 -14.10 -5.47
C ASN A 21 21.38 -12.76 -6.19
N GLY A 22 20.89 -12.71 -7.42
CA GLY A 22 20.84 -11.47 -8.18
C GLY A 22 19.72 -10.55 -7.71
N PHE A 23 19.96 -9.23 -7.82
CA PHE A 23 19.03 -8.19 -7.41
C PHE A 23 17.68 -8.34 -8.07
N THR A 24 17.66 -8.38 -9.41
CA THR A 24 16.46 -8.54 -10.25
C THR A 24 15.64 -9.74 -9.81
N PHE A 25 16.24 -10.92 -9.79
CA PHE A 25 15.58 -12.14 -9.34
C PHE A 25 15.02 -11.94 -7.94
N CYS A 26 15.83 -11.40 -7.04
CA CYS A 26 15.38 -11.07 -5.71
C CYS A 26 14.23 -10.09 -5.71
N GLU A 27 14.22 -9.11 -6.60
CA GLU A 27 13.17 -8.12 -6.80
C GLU A 27 11.89 -8.78 -7.30
N MET A 28 11.88 -9.31 -8.53
CA MET A 28 10.74 -10.01 -9.14
C MET A 28 10.13 -11.06 -8.21
N LYS A 29 10.97 -11.64 -7.34
CA LYS A 29 10.55 -12.54 -6.28
C LYS A 29 9.99 -11.82 -5.08
N CYS A 30 10.76 -10.98 -4.38
CA CYS A 30 10.32 -10.12 -3.27
C CYS A 30 9.05 -9.33 -3.58
N ASP A 31 8.82 -9.05 -4.86
CA ASP A 31 7.62 -8.44 -5.41
C ASP A 31 6.42 -9.33 -5.15
N THR A 32 6.43 -10.53 -5.72
CA THR A 32 5.37 -11.51 -5.52
C THR A 32 5.40 -12.11 -4.11
N ASP A 33 6.54 -12.10 -3.42
CA ASP A 33 6.74 -12.62 -2.07
C ASP A 33 5.74 -11.96 -1.11
N CYS A 34 5.96 -10.67 -0.85
CA CYS A 34 5.10 -9.89 0.02
C CYS A 34 3.87 -9.41 -0.75
N SER A 35 3.22 -10.32 -1.46
CA SER A 35 2.04 -10.07 -2.26
C SER A 35 1.28 -11.38 -2.41
N VAL A 36 0.35 -11.64 -1.49
CA VAL A 36 -0.55 -12.79 -1.57
C VAL A 36 -1.40 -12.76 -2.84
N LYS A 37 -2.37 -13.66 -2.91
CA LYS A 37 -3.30 -13.67 -4.02
C LYS A 37 -4.56 -14.42 -3.64
N ASP A 38 -5.56 -13.69 -3.18
CA ASP A 38 -6.83 -14.28 -2.76
C ASP A 38 -7.95 -13.28 -2.97
N VAL A 39 -8.96 -13.66 -3.75
CA VAL A 39 -10.11 -12.81 -4.07
C VAL A 39 -11.34 -13.68 -3.90
N LYS A 40 -11.73 -13.90 -2.64
CA LYS A 40 -12.95 -14.65 -2.29
C LYS A 40 -14.11 -14.19 -3.17
N GLU A 41 -14.74 -15.15 -3.84
CA GLU A 41 -15.84 -14.82 -4.74
C GLU A 41 -16.91 -14.07 -3.97
N LYS A 42 -17.62 -13.17 -4.66
CA LYS A 42 -18.73 -12.44 -4.07
C LYS A 42 -19.88 -13.43 -3.86
N LEU A 43 -19.83 -14.14 -2.73
CA LEU A 43 -20.82 -15.11 -2.32
C LEU A 43 -22.21 -14.47 -2.42
N GLU A 44 -23.18 -15.25 -2.88
CA GLU A 44 -24.54 -14.75 -3.10
C GLU A 44 -25.41 -15.81 -3.72
N ASN A 45 -24.96 -16.38 -4.84
CA ASN A 45 -25.60 -17.49 -5.51
C ASN A 45 -26.13 -18.55 -4.55
N TYR A 46 -27.38 -18.95 -4.76
CA TYR A 46 -28.03 -19.84 -3.83
C TYR A 46 -29.36 -20.29 -4.43
N LYS A 47 -29.88 -21.38 -3.90
CA LYS A 47 -31.20 -21.88 -4.28
C LYS A 47 -32.17 -21.84 -3.10
N PRO A 48 -33.48 -21.75 -3.37
CA PRO A 48 -34.50 -21.77 -2.34
C PRO A 48 -34.64 -23.18 -1.73
N LYS A 49 -35.58 -23.29 -0.80
CA LYS A 49 -35.91 -24.55 -0.14
C LYS A 49 -37.42 -24.72 -0.05
N ASN A 50 -38.10 -23.82 0.68
CA ASN A 50 -39.53 -23.82 0.96
C ASN A 50 -40.05 -22.46 1.49
N ASP A 1 -0.68 1.17 3.00
CA ASP A 1 -1.27 1.04 1.66
C ASP A 1 -2.74 0.79 1.83
N GLU A 2 -3.45 0.70 0.71
CA GLU A 2 -4.84 0.28 0.67
C GLU A 2 -4.98 -1.23 0.52
N ALA A 3 -3.90 -1.98 0.22
CA ALA A 3 -3.94 -3.43 0.06
C ALA A 3 -4.38 -4.15 1.33
N GLN A 4 -3.78 -3.80 2.48
CA GLN A 4 -4.21 -4.32 3.80
C GLN A 4 -5.72 -4.24 4.02
N PHE A 5 -6.36 -3.23 3.43
CA PHE A 5 -7.80 -3.07 3.40
C PHE A 5 -8.46 -3.76 2.23
N LYS A 6 -7.91 -3.68 1.01
CA LYS A 6 -8.41 -4.37 -0.18
C LYS A 6 -8.46 -5.87 0.02
N GLU A 7 -7.58 -6.41 0.85
CA GLU A 7 -7.60 -7.80 1.26
C GLU A 7 -8.66 -8.03 2.31
N CYS A 8 -8.89 -7.11 3.24
CA CYS A 8 -9.97 -7.26 4.20
C CYS A 8 -11.30 -7.09 3.51
N TYR A 9 -11.51 -6.16 2.60
CA TYR A 9 -12.75 -5.96 1.85
C TYR A 9 -13.08 -7.16 0.98
N ASP A 10 -12.12 -7.61 0.15
CA ASP A 10 -12.28 -8.76 -0.74
C ASP A 10 -12.58 -10.03 0.06
N THR A 11 -11.73 -10.28 1.05
CA THR A 11 -11.80 -11.46 1.92
C THR A 11 -13.04 -11.41 2.80
N CYS A 12 -13.33 -10.24 3.38
CA CYS A 12 -14.56 -10.01 4.14
C CYS A 12 -15.75 -10.29 3.24
N HIS A 13 -15.75 -9.80 1.99
CA HIS A 13 -16.79 -10.09 1.00
C HIS A 13 -16.99 -11.58 0.80
N LYS A 14 -15.94 -12.39 0.80
CA LYS A 14 -16.05 -13.86 0.77
C LYS A 14 -16.94 -14.40 1.89
N GLU A 15 -16.52 -14.26 3.14
CA GLU A 15 -17.35 -14.63 4.31
C GLU A 15 -18.66 -13.79 4.42
N CYS A 16 -18.75 -12.71 3.66
CA CYS A 16 -19.94 -11.88 3.61
C CYS A 16 -20.98 -12.46 2.67
N SER A 17 -20.69 -12.57 1.38
CA SER A 17 -21.52 -13.21 0.37
C SER A 17 -21.91 -14.63 0.77
N ASP A 18 -21.13 -15.31 1.63
CA ASP A 18 -21.50 -16.57 2.32
C ASP A 18 -22.87 -16.50 3.01
N LYS A 19 -23.21 -15.34 3.59
CA LYS A 19 -24.53 -15.10 4.14
C LYS A 19 -25.68 -15.25 3.14
N GLY A 20 -25.33 -15.33 1.86
CA GLY A 20 -26.23 -15.44 0.72
C GLY A 20 -26.81 -14.09 0.35
N ASN A 21 -26.21 -13.00 0.84
CA ASN A 21 -26.63 -11.65 0.51
C ASN A 21 -26.15 -11.22 -0.89
N GLY A 22 -26.56 -10.01 -1.28
CA GLY A 22 -26.07 -9.42 -2.51
C GLY A 22 -24.67 -8.86 -2.35
N PHE A 23 -23.86 -8.97 -3.40
CA PHE A 23 -22.52 -8.41 -3.50
C PHE A 23 -22.52 -6.97 -3.05
N THR A 24 -23.44 -6.14 -3.53
CA THR A 24 -23.48 -4.70 -3.25
C THR A 24 -23.62 -4.45 -1.75
N PHE A 25 -24.69 -5.01 -1.15
CA PHE A 25 -24.95 -4.88 0.27
C PHE A 25 -23.78 -5.42 1.09
N CYS A 26 -23.26 -6.57 0.67
CA CYS A 26 -22.07 -7.10 1.29
C CYS A 26 -20.88 -6.21 1.12
N GLU A 27 -20.73 -5.51 -0.01
CA GLU A 27 -19.68 -4.56 -0.34
C GLU A 27 -19.73 -3.40 0.61
N MET A 28 -20.79 -2.59 0.57
CA MET A 28 -20.97 -1.45 1.48
C MET A 28 -20.79 -1.85 2.95
N LYS A 29 -21.27 -3.05 3.31
CA LYS A 29 -21.17 -3.54 4.67
C LYS A 29 -19.75 -3.91 5.00
N CYS A 30 -19.13 -4.83 4.27
CA CYS A 30 -17.70 -5.16 4.34
C CYS A 30 -16.79 -3.91 4.33
N ASP A 31 -17.25 -2.84 3.70
CA ASP A 31 -16.60 -1.51 3.70
C ASP A 31 -16.51 -0.96 5.12
N THR A 32 -17.68 -0.75 5.73
CA THR A 32 -17.74 -0.26 7.11
C THR A 32 -17.29 -1.31 8.11
N ASP A 33 -17.42 -2.61 7.79
CA ASP A 33 -16.97 -3.73 8.62
C ASP A 33 -15.50 -3.54 8.98
N CYS A 34 -14.64 -3.81 8.01
CA CYS A 34 -13.22 -3.70 8.23
C CYS A 34 -12.86 -2.24 7.99
N SER A 35 -12.81 -1.42 9.03
CA SER A 35 -12.44 0.00 8.93
C SER A 35 -11.09 0.15 9.58
N VAL A 36 -10.04 0.07 8.75
CA VAL A 36 -8.66 0.30 9.20
C VAL A 36 -8.50 1.69 9.82
N LYS A 37 -7.25 2.06 10.04
CA LYS A 37 -6.99 3.43 10.46
C LYS A 37 -5.63 3.91 10.05
N ASP A 38 -4.64 3.02 10.14
CA ASP A 38 -3.27 3.30 9.74
C ASP A 38 -3.23 3.86 8.33
N VAL A 39 -2.55 4.98 8.15
CA VAL A 39 -2.47 5.68 6.86
C VAL A 39 -1.01 6.07 6.70
N LYS A 40 -0.19 5.10 6.28
CA LYS A 40 1.24 5.31 6.04
C LYS A 40 1.47 6.53 5.17
N GLU A 41 1.15 6.41 3.88
CA GLU A 41 1.17 7.54 2.98
C GLU A 41 0.39 7.20 1.72
N LYS A 42 0.26 8.18 0.82
CA LYS A 42 -0.38 8.01 -0.47
C LYS A 42 0.72 7.92 -1.53
N LEU A 43 1.46 6.80 -1.53
CA LEU A 43 2.47 6.52 -2.53
C LEU A 43 1.91 6.75 -3.94
N GLU A 44 2.79 7.03 -4.88
CA GLU A 44 2.39 7.35 -6.26
C GLU A 44 3.63 7.32 -7.13
N ASN A 45 3.46 7.54 -8.43
CA ASN A 45 4.54 7.55 -9.42
C ASN A 45 5.19 6.18 -9.57
N TYR A 46 4.73 5.40 -10.54
CA TYR A 46 5.22 4.03 -10.64
C TYR A 46 4.79 3.42 -11.96
N LYS A 47 5.55 3.64 -13.02
CA LYS A 47 5.23 3.11 -14.35
C LYS A 47 6.36 3.43 -15.34
N PRO A 48 7.44 2.61 -15.33
CA PRO A 48 8.56 2.83 -16.22
C PRO A 48 8.10 2.52 -17.64
N LYS A 49 8.38 3.44 -18.56
CA LYS A 49 8.10 3.29 -19.99
C LYS A 49 8.59 1.92 -20.50
N ASN A 50 7.89 1.41 -21.51
CA ASN A 50 8.27 0.15 -22.13
C ASN A 50 9.46 0.29 -23.07
N ASP A 1 -0.74 1.18 3.04
CA ASP A 1 -1.30 1.08 1.68
C ASP A 1 -0.66 -0.09 0.97
N GLU A 2 -1.43 -0.86 0.21
CA GLU A 2 -0.88 -1.92 -0.63
C GLU A 2 0.07 -1.36 -1.69
N ALA A 3 -0.27 -0.22 -2.31
CA ALA A 3 0.52 0.39 -3.38
C ALA A 3 1.93 0.79 -2.89
N GLN A 4 2.00 1.38 -1.70
CA GLN A 4 3.26 1.68 -1.00
C GLN A 4 4.22 0.48 -0.98
N PHE A 5 3.64 -0.71 -0.92
CA PHE A 5 4.35 -1.98 -0.97
C PHE A 5 4.56 -2.44 -2.40
N LYS A 6 3.54 -2.38 -3.25
CA LYS A 6 3.63 -2.76 -4.66
C LYS A 6 4.73 -1.96 -5.35
N GLU A 7 4.93 -0.71 -4.95
CA GLU A 7 6.02 0.13 -5.40
C GLU A 7 7.34 -0.38 -4.87
N CYS A 8 7.40 -0.74 -3.59
CA CYS A 8 8.63 -1.27 -3.02
C CYS A 8 8.98 -2.58 -3.68
N TYR A 9 8.03 -3.50 -3.86
CA TYR A 9 8.23 -4.77 -4.52
C TYR A 9 8.70 -4.62 -5.96
N ASP A 10 7.97 -3.86 -6.78
CA ASP A 10 8.30 -3.62 -8.19
C ASP A 10 9.67 -2.93 -8.32
N THR A 11 9.84 -1.82 -7.60
CA THR A 11 11.06 -1.03 -7.57
C THR A 11 12.23 -1.80 -6.97
N CYS A 12 12.03 -2.53 -5.86
CA CYS A 12 13.02 -3.43 -5.31
C CYS A 12 13.38 -4.47 -6.35
N HIS A 13 12.41 -5.07 -7.05
CA HIS A 13 12.65 -6.04 -8.12
C HIS A 13 13.57 -5.50 -9.20
N LYS A 14 13.49 -4.20 -9.49
CA LYS A 14 14.40 -3.51 -10.39
C LYS A 14 15.85 -3.63 -9.92
N GLU A 15 16.20 -2.99 -8.80
CA GLU A 15 17.53 -3.06 -8.17
C GLU A 15 17.90 -4.49 -7.73
N CYS A 16 16.92 -5.40 -7.67
CA CYS A 16 17.12 -6.79 -7.36
C CYS A 16 17.59 -7.57 -8.60
N SER A 17 16.75 -7.61 -9.63
CA SER A 17 17.09 -8.23 -10.92
C SER A 17 18.38 -7.64 -11.52
N ASP A 18 18.72 -6.40 -11.17
CA ASP A 18 20.01 -5.76 -11.47
C ASP A 18 21.18 -6.63 -11.04
N LYS A 19 21.06 -7.32 -9.88
CA LYS A 19 22.09 -8.25 -9.42
C LYS A 19 22.33 -9.40 -10.39
N GLY A 20 21.48 -9.55 -11.40
CA GLY A 20 21.51 -10.59 -12.43
C GLY A 20 20.97 -11.92 -11.92
N ASN A 21 20.22 -11.87 -10.81
CA ASN A 21 19.62 -13.04 -10.21
C ASN A 21 18.39 -13.50 -10.99
N GLY A 22 17.84 -14.64 -10.58
CA GLY A 22 16.59 -15.14 -11.14
C GLY A 22 15.43 -14.26 -10.70
N PHE A 23 14.59 -13.83 -11.65
CA PHE A 23 13.36 -13.06 -11.42
C PHE A 23 12.57 -13.54 -10.19
N THR A 24 12.18 -14.82 -10.18
CA THR A 24 11.47 -15.51 -9.08
C THR A 24 12.16 -15.29 -7.73
N PHE A 25 13.43 -15.69 -7.64
CA PHE A 25 14.22 -15.48 -6.43
C PHE A 25 14.18 -14.01 -6.02
N CYS A 26 14.39 -13.11 -6.98
CA CYS A 26 14.32 -11.69 -6.74
C CYS A 26 12.94 -11.28 -6.24
N GLU A 27 11.87 -11.88 -6.72
CA GLU A 27 10.49 -11.66 -6.28
C GLU A 27 10.33 -12.09 -4.82
N MET A 28 10.43 -13.40 -4.55
CA MET A 28 10.33 -13.96 -3.20
C MET A 28 11.24 -13.24 -2.20
N LYS A 29 12.40 -12.78 -2.66
CA LYS A 29 13.33 -12.02 -1.84
C LYS A 29 12.84 -10.59 -1.62
N CYS A 30 12.59 -9.83 -2.68
CA CYS A 30 11.97 -8.51 -2.65
C CYS A 30 10.69 -8.45 -1.82
N ASP A 31 9.99 -9.59 -1.72
CA ASP A 31 8.80 -9.80 -0.89
C ASP A 31 9.16 -9.61 0.60
N THR A 32 10.07 -10.47 1.07
CA THR A 32 10.55 -10.42 2.45
C THR A 32 11.45 -9.20 2.69
N ASP A 33 12.13 -8.68 1.66
CA ASP A 33 12.99 -7.50 1.72
C ASP A 33 12.23 -6.30 2.29
N CYS A 34 11.33 -5.76 1.48
CA CYS A 34 10.49 -4.65 1.87
C CYS A 34 9.27 -5.22 2.56
N SER A 35 9.33 -5.37 3.88
CA SER A 35 8.23 -5.83 4.71
C SER A 35 8.25 -5.08 6.03
N VAL A 36 7.12 -4.44 6.33
CA VAL A 36 6.90 -3.76 7.59
C VAL A 36 6.99 -4.75 8.74
N LYS A 37 6.62 -4.27 9.92
CA LYS A 37 6.55 -5.09 11.11
C LYS A 37 5.41 -4.65 12.03
N ASP A 38 5.01 -5.58 12.90
CA ASP A 38 3.99 -5.37 13.92
C ASP A 38 4.64 -4.70 15.13
N VAL A 39 4.15 -3.51 15.48
CA VAL A 39 4.61 -2.73 16.64
C VAL A 39 3.34 -2.27 17.34
N LYS A 40 2.78 -3.17 18.15
CA LYS A 40 1.63 -2.87 19.00
C LYS A 40 1.87 -1.58 19.80
N GLU A 41 0.88 -0.71 19.76
CA GLU A 41 0.90 0.63 20.40
C GLU A 41 -0.19 0.75 21.46
N LYS A 42 -0.39 -0.36 22.18
CA LYS A 42 -1.35 -0.46 23.27
C LYS A 42 -0.69 -1.13 24.46
N LEU A 43 0.35 -0.46 24.96
CA LEU A 43 1.08 -0.90 26.15
C LEU A 43 0.09 -1.24 27.27
N GLU A 44 0.49 -2.14 28.16
CA GLU A 44 -0.35 -2.51 29.29
C GLU A 44 -0.43 -1.38 30.32
N ASN A 45 -1.43 -1.47 31.18
CA ASN A 45 -1.62 -0.52 32.27
C ASN A 45 -1.99 -1.28 33.53
N TYR A 46 -1.76 -0.62 34.66
CA TYR A 46 -2.02 -1.18 35.97
C TYR A 46 -2.55 -0.09 36.89
N LYS A 47 -2.96 -0.51 38.08
CA LYS A 47 -3.46 0.38 39.13
C LYS A 47 -2.53 0.35 40.35
N PRO A 48 -2.48 1.45 41.13
CA PRO A 48 -1.69 1.49 42.35
C PRO A 48 -2.29 0.57 43.41
N LYS A 49 -1.52 0.35 44.47
CA LYS A 49 -1.91 -0.41 45.67
C LYS A 49 -2.17 0.59 46.83
N ASN A 50 -2.78 0.10 47.91
CA ASN A 50 -2.97 0.81 49.19
C ASN A 50 -1.71 1.60 49.62
N ASP A 1 -0.81 1.15 3.06
CA ASP A 1 -1.38 1.07 1.70
C ASP A 1 -0.33 1.61 0.75
N GLU A 2 0.46 0.76 0.10
CA GLU A 2 1.45 1.19 -0.89
C GLU A 2 2.59 1.97 -0.25
N ALA A 3 2.42 3.26 0.04
CA ALA A 3 3.41 4.11 0.68
C ALA A 3 3.87 3.57 2.03
N GLN A 4 2.92 3.19 2.89
CA GLN A 4 3.20 2.55 4.19
C GLN A 4 4.20 1.38 4.06
N PHE A 5 4.12 0.68 2.93
CA PHE A 5 5.02 -0.41 2.58
C PHE A 5 6.26 0.11 1.87
N LYS A 6 6.15 1.09 0.98
CA LYS A 6 7.27 1.72 0.27
C LYS A 6 8.32 2.23 1.24
N GLU A 7 7.87 2.69 2.41
CA GLU A 7 8.76 3.06 3.48
C GLU A 7 9.40 1.84 4.11
N CYS A 8 8.65 0.76 4.34
CA CYS A 8 9.18 -0.47 4.89
C CYS A 8 10.16 -1.08 3.91
N TYR A 9 9.86 -1.16 2.62
CA TYR A 9 10.73 -1.68 1.58
C TYR A 9 12.02 -0.88 1.47
N ASP A 10 11.92 0.45 1.33
CA ASP A 10 13.08 1.34 1.21
C ASP A 10 13.95 1.28 2.46
N THR A 11 13.30 1.44 3.61
CA THR A 11 13.93 1.43 4.94
C THR A 11 14.48 0.05 5.28
N CYS A 12 13.72 -1.01 5.01
CA CYS A 12 14.18 -2.38 5.14
C CYS A 12 15.39 -2.55 4.25
N HIS A 13 15.37 -2.10 2.99
CA HIS A 13 16.52 -2.19 2.09
C HIS A 13 17.76 -1.56 2.68
N LYS A 14 17.64 -0.47 3.44
CA LYS A 14 18.73 0.13 4.20
C LYS A 14 19.37 -0.86 5.17
N GLU A 15 18.66 -1.24 6.23
CA GLU A 15 19.13 -2.28 7.17
C GLU A 15 19.41 -3.62 6.47
N CYS A 16 18.86 -3.83 5.28
CA CYS A 16 19.08 -5.05 4.53
C CYS A 16 20.44 -5.02 3.84
N SER A 17 20.64 -4.08 2.92
CA SER A 17 21.92 -3.88 2.24
C SER A 17 23.07 -3.65 3.24
N ASP A 18 22.78 -3.18 4.46
CA ASP A 18 23.72 -3.11 5.59
C ASP A 18 24.40 -4.45 5.82
N LYS A 19 23.68 -5.58 5.64
CA LYS A 19 24.27 -6.91 5.75
C LYS A 19 25.39 -7.15 4.75
N GLY A 20 25.55 -6.24 3.79
CA GLY A 20 26.55 -6.27 2.73
C GLY A 20 26.13 -7.20 1.60
N ASN A 21 24.84 -7.56 1.56
CA ASN A 21 24.29 -8.40 0.51
C ASN A 21 24.05 -7.62 -0.78
N GLY A 22 23.62 -8.34 -1.81
CA GLY A 22 23.24 -7.73 -3.08
C GLY A 22 21.89 -7.03 -3.00
N PHE A 23 21.73 -5.97 -3.78
CA PHE A 23 20.51 -5.16 -3.84
C PHE A 23 19.28 -5.99 -4.16
N THR A 24 19.30 -6.70 -5.29
CA THR A 24 18.23 -7.59 -5.76
C THR A 24 17.79 -8.55 -4.68
N PHE A 25 18.73 -9.34 -4.15
CA PHE A 25 18.45 -10.27 -3.06
C PHE A 25 17.81 -9.53 -1.90
N CYS A 26 18.40 -8.42 -1.48
CA CYS A 26 17.85 -7.59 -0.44
C CYS A 26 16.46 -7.10 -0.79
N GLU A 27 16.18 -6.79 -2.05
CA GLU A 27 14.90 -6.36 -2.56
C GLU A 27 13.87 -7.48 -2.48
N MET A 28 14.04 -8.56 -3.26
CA MET A 28 13.18 -9.74 -3.25
C MET A 28 12.92 -10.27 -1.84
N LYS A 29 13.87 -10.02 -0.92
CA LYS A 29 13.74 -10.35 0.48
C LYS A 29 12.96 -9.29 1.24
N CYS A 30 13.43 -8.04 1.28
CA CYS A 30 12.74 -6.87 1.84
C CYS A 30 11.27 -6.79 1.43
N ASP A 31 10.95 -7.32 0.24
CA ASP A 31 9.61 -7.48 -0.27
C ASP A 31 8.82 -8.39 0.66
N THR A 32 9.23 -9.64 0.76
CA THR A 32 8.60 -10.62 1.65
C THR A 32 8.86 -10.35 3.13
N ASP A 33 9.90 -9.57 3.47
CA ASP A 33 10.31 -9.20 4.82
C ASP A 33 9.14 -8.54 5.52
N CYS A 34 8.85 -7.31 5.11
CA CYS A 34 7.80 -6.55 5.72
C CYS A 34 6.46 -7.22 5.42
N SER A 35 6.27 -7.59 4.14
CA SER A 35 5.06 -8.23 3.59
C SER A 35 4.95 -8.08 2.09
N VAL A 36 5.22 -9.14 1.33
CA VAL A 36 5.11 -9.10 -0.13
C VAL A 36 3.70 -8.72 -0.55
N LYS A 37 3.44 -8.83 -1.85
CA LYS A 37 2.10 -8.60 -2.37
C LYS A 37 1.93 -9.33 -3.68
N ASP A 38 0.95 -10.22 -3.72
CA ASP A 38 0.63 -11.01 -4.91
C ASP A 38 -0.88 -11.07 -5.05
N VAL A 39 -1.38 -10.70 -6.22
CA VAL A 39 -2.81 -10.71 -6.54
C VAL A 39 -2.92 -10.94 -8.03
N LYS A 40 -2.80 -12.21 -8.46
CA LYS A 40 -2.92 -12.62 -9.87
C LYS A 40 -4.19 -12.05 -10.51
N GLU A 41 -5.31 -12.71 -10.30
CA GLU A 41 -6.59 -12.21 -10.76
C GLU A 41 -7.70 -12.86 -9.96
N LYS A 42 -8.85 -12.18 -9.88
CA LYS A 42 -10.04 -12.70 -9.21
C LYS A 42 -10.91 -13.43 -10.25
N LEU A 43 -10.34 -14.48 -10.83
CA LEU A 43 -11.04 -15.33 -11.80
C LEU A 43 -12.43 -15.68 -11.26
N GLU A 44 -13.43 -15.66 -12.12
CA GLU A 44 -14.80 -15.95 -11.72
C GLU A 44 -15.65 -15.95 -12.98
N ASN A 45 -16.78 -16.66 -12.93
CA ASN A 45 -17.67 -16.85 -14.08
C ASN A 45 -16.97 -17.51 -15.27
N TYR A 46 -17.72 -18.29 -16.04
CA TYR A 46 -17.13 -19.07 -17.13
C TYR A 46 -18.23 -19.70 -17.96
N LYS A 47 -18.55 -19.10 -19.11
CA LYS A 47 -19.53 -19.69 -20.01
C LYS A 47 -19.44 -19.04 -21.40
N PRO A 48 -18.35 -19.34 -22.14
CA PRO A 48 -18.17 -18.78 -23.47
C PRO A 48 -19.27 -19.32 -24.39
N LYS A 49 -19.88 -18.43 -25.17
CA LYS A 49 -20.87 -18.81 -26.19
C LYS A 49 -20.28 -19.88 -27.11
N ASN A 50 -21.15 -20.68 -27.75
CA ASN A 50 -20.74 -21.67 -28.74
C ASN A 50 -19.85 -21.01 -29.80
N ASP A 1 -0.70 1.10 3.04
CA ASP A 1 -1.31 1.01 1.70
C ASP A 1 -1.44 2.42 1.14
N GLU A 2 -2.04 2.55 -0.03
CA GLU A 2 -2.22 3.81 -0.73
C GLU A 2 -3.65 3.88 -1.24
N ALA A 3 -4.43 4.85 -0.76
CA ALA A 3 -5.82 5.06 -1.17
C ALA A 3 -6.45 6.17 -0.34
N GLN A 4 -7.12 5.82 0.76
CA GLN A 4 -7.75 6.78 1.67
C GLN A 4 -6.75 7.84 2.15
N PHE A 5 -5.48 7.46 2.17
CA PHE A 5 -4.37 8.34 2.47
C PHE A 5 -3.87 9.09 1.25
N LYS A 6 -3.69 8.41 0.13
CA LYS A 6 -3.27 9.04 -1.13
C LYS A 6 -4.25 10.14 -1.55
N GLU A 7 -5.52 9.97 -1.20
CA GLU A 7 -6.54 10.98 -1.43
C GLU A 7 -6.46 12.10 -0.42
N CYS A 8 -6.11 11.82 0.83
CA CYS A 8 -5.92 12.86 1.81
C CYS A 8 -4.66 13.64 1.52
N TYR A 9 -3.56 12.99 1.17
CA TYR A 9 -2.30 13.65 0.82
C TYR A 9 -2.45 14.53 -0.40
N ASP A 10 -2.99 13.99 -1.49
CA ASP A 10 -3.18 14.73 -2.74
C ASP A 10 -4.14 15.91 -2.51
N THR A 11 -5.28 15.61 -1.91
CA THR A 11 -6.32 16.59 -1.63
C THR A 11 -5.85 17.62 -0.62
N CYS A 12 -5.21 17.17 0.46
CA CYS A 12 -4.59 18.03 1.46
C CYS A 12 -3.60 18.92 0.76
N HIS A 13 -2.74 18.39 -0.12
CA HIS A 13 -1.79 19.18 -0.90
C HIS A 13 -2.47 20.31 -1.65
N LYS A 14 -3.67 20.07 -2.19
CA LYS A 14 -4.48 21.11 -2.84
C LYS A 14 -4.76 22.28 -1.91
N GLU A 15 -5.57 22.08 -0.86
CA GLU A 15 -5.83 23.11 0.17
C GLU A 15 -4.54 23.55 0.90
N CYS A 16 -3.48 22.77 0.79
CA CYS A 16 -2.19 23.10 1.36
C CYS A 16 -1.47 24.12 0.49
N SER A 17 -1.06 23.72 -0.72
CA SER A 17 -0.40 24.60 -1.70
C SER A 17 -1.26 25.82 -1.99
N ASP A 18 -2.59 25.76 -1.77
CA ASP A 18 -3.51 26.91 -1.79
C ASP A 18 -3.02 28.04 -0.90
N LYS A 19 -2.42 27.72 0.25
CA LYS A 19 -1.80 28.71 1.12
C LYS A 19 -0.69 29.53 0.44
N GLY A 20 -0.26 29.06 -0.75
CA GLY A 20 0.77 29.67 -1.56
C GLY A 20 2.16 29.24 -1.06
N ASN A 21 2.22 28.16 -0.27
CA ASN A 21 3.47 27.62 0.21
C ASN A 21 4.20 26.80 -0.87
N GLY A 22 5.38 26.31 -0.51
CA GLY A 22 6.13 25.42 -1.37
C GLY A 22 5.57 24.00 -1.35
N PHE A 23 5.72 23.30 -2.48
CA PHE A 23 5.27 21.92 -2.66
C PHE A 23 5.82 21.02 -1.57
N THR A 24 7.15 20.96 -1.45
CA THR A 24 7.87 20.13 -0.48
C THR A 24 7.33 20.34 0.92
N PHE A 25 7.36 21.58 1.40
CA PHE A 25 6.83 21.92 2.71
C PHE A 25 5.40 21.45 2.84
N CYS A 26 4.57 21.74 1.84
CA CYS A 26 3.21 21.26 1.80
C CYS A 26 3.13 19.76 1.84
N GLU A 27 4.05 19.05 1.20
CA GLU A 27 4.18 17.61 1.20
C GLU A 27 4.53 17.10 2.58
N MET A 28 5.75 17.37 3.08
CA MET A 28 6.20 16.95 4.41
C MET A 28 5.18 17.28 5.50
N LYS A 29 4.40 18.34 5.29
CA LYS A 29 3.30 18.73 6.16
C LYS A 29 2.07 17.89 5.92
N CYS A 30 1.44 17.94 4.75
CA CYS A 30 0.32 17.10 4.34
C CYS A 30 0.54 15.61 4.65
N ASP A 31 1.81 15.19 4.64
CA ASP A 31 2.25 13.85 5.01
C ASP A 31 1.90 13.55 6.47
N THR A 32 2.48 14.35 7.35
CA THR A 32 2.20 14.22 8.78
C THR A 32 0.79 14.68 9.13
N ASP A 33 0.20 15.56 8.33
CA ASP A 33 -1.15 16.10 8.49
C ASP A 33 -2.15 14.94 8.60
N CYS A 34 -2.41 14.30 7.46
CA CYS A 34 -3.31 13.17 7.40
C CYS A 34 -2.50 11.91 7.65
N SER A 35 -2.46 11.45 8.90
CA SER A 35 -1.72 10.24 9.27
C SER A 35 -2.34 9.65 10.53
N VAL A 36 -2.78 8.41 10.41
CA VAL A 36 -3.40 7.66 11.49
C VAL A 36 -2.32 7.21 12.48
N LYS A 37 -2.73 6.47 13.51
CA LYS A 37 -1.78 5.90 14.45
C LYS A 37 -1.24 4.56 13.96
N ASP A 38 -0.43 3.92 14.78
CA ASP A 38 0.13 2.60 14.51
C ASP A 38 -0.54 1.57 15.41
N VAL A 39 -0.42 0.31 15.04
CA VAL A 39 -0.99 -0.83 15.76
C VAL A 39 -0.13 -2.05 15.39
N LYS A 40 0.89 -2.31 16.20
CA LYS A 40 1.78 -3.47 16.03
C LYS A 40 0.94 -4.72 15.79
N GLU A 41 1.33 -5.51 14.80
CA GLU A 41 0.61 -6.74 14.41
C GLU A 41 1.12 -7.93 15.23
N LYS A 42 1.45 -7.67 16.50
CA LYS A 42 1.92 -8.70 17.40
C LYS A 42 1.51 -8.38 18.82
N LEU A 43 1.96 -9.20 19.75
CA LEU A 43 1.70 -9.02 21.16
C LEU A 43 2.67 -9.90 21.96
N GLU A 44 2.91 -9.53 23.21
CA GLU A 44 3.69 -10.32 24.14
C GLU A 44 2.93 -11.54 24.71
N ASN A 45 3.66 -12.45 25.33
CA ASN A 45 3.06 -13.60 25.99
C ASN A 45 3.05 -13.39 27.51
N TYR A 46 2.68 -14.44 28.21
CA TYR A 46 2.60 -14.47 29.66
C TYR A 46 2.95 -15.86 30.16
N LYS A 47 3.56 -15.93 31.34
CA LYS A 47 3.91 -17.19 31.99
C LYS A 47 3.33 -17.21 33.40
N PRO A 48 2.06 -17.63 33.55
CA PRO A 48 1.42 -17.71 34.84
C PRO A 48 2.03 -18.84 35.67
N LYS A 49 2.01 -18.65 36.99
CA LYS A 49 2.53 -19.65 37.93
C LYS A 49 1.69 -20.94 37.87
N ASN A 50 0.50 -20.89 38.44
CA ASN A 50 -0.50 -21.97 38.38
C ASN A 50 -1.51 -21.74 37.23
N ASP A 1 -0.76 1.03 3.10
CA ASP A 1 -1.38 0.97 1.75
C ASP A 1 -1.31 2.32 1.07
N GLU A 2 -2.17 3.25 1.50
CA GLU A 2 -2.26 4.66 1.07
C GLU A 2 -2.68 4.81 -0.41
N ALA A 3 -3.94 5.16 -0.68
CA ALA A 3 -4.50 5.23 -2.04
C ALA A 3 -5.89 5.84 -2.03
N GLN A 4 -6.94 5.02 -1.98
CA GLN A 4 -8.34 5.45 -1.88
C GLN A 4 -8.61 6.40 -0.72
N PHE A 5 -7.81 6.26 0.34
CA PHE A 5 -7.73 7.17 1.48
C PHE A 5 -6.90 8.40 1.20
N LYS A 6 -5.68 8.23 0.69
CA LYS A 6 -4.78 9.36 0.37
C LYS A 6 -5.41 10.32 -0.63
N GLU A 7 -6.25 9.80 -1.52
CA GLU A 7 -7.08 10.57 -2.43
C GLU A 7 -8.25 11.24 -1.72
N CYS A 8 -8.91 10.55 -0.79
CA CYS A 8 -9.95 11.18 0.01
C CYS A 8 -9.37 12.27 0.89
N TYR A 9 -8.26 12.05 1.56
CA TYR A 9 -7.58 13.02 2.40
C TYR A 9 -7.14 14.26 1.63
N ASP A 10 -6.39 14.08 0.54
CA ASP A 10 -5.88 15.18 -0.30
C ASP A 10 -7.04 15.98 -0.92
N THR A 11 -7.97 15.27 -1.55
CA THR A 11 -9.17 15.83 -2.20
C THR A 11 -10.14 16.44 -1.18
N CYS A 12 -10.38 15.79 -0.05
CA CYS A 12 -11.12 16.38 1.07
C CYS A 12 -10.40 17.64 1.53
N HIS A 13 -9.06 17.63 1.68
CA HIS A 13 -8.27 18.82 2.03
C HIS A 13 -8.45 19.99 1.09
N LYS A 14 -8.71 19.73 -0.20
CA LYS A 14 -9.11 20.73 -1.19
C LYS A 14 -10.43 21.42 -0.81
N GLU A 15 -11.56 20.70 -0.86
CA GLU A 15 -12.89 21.21 -0.42
C GLU A 15 -12.93 21.63 1.07
N CYS A 16 -11.96 21.19 1.86
CA CYS A 16 -11.81 21.61 3.25
C CYS A 16 -11.14 23.00 3.38
N SER A 17 -9.91 23.11 2.88
CA SER A 17 -9.17 24.39 2.85
C SER A 17 -9.89 25.46 2.01
N ASP A 18 -10.77 25.07 1.07
CA ASP A 18 -11.75 25.91 0.36
C ASP A 18 -12.61 26.74 1.33
N LYS A 19 -13.03 26.16 2.47
CA LYS A 19 -13.74 26.89 3.52
C LYS A 19 -12.95 28.08 4.10
N GLY A 20 -11.68 28.22 3.73
CA GLY A 20 -10.73 29.26 4.17
C GLY A 20 -10.14 28.98 5.55
N ASN A 21 -10.25 27.74 6.00
CA ASN A 21 -9.70 27.28 7.27
C ASN A 21 -8.18 27.05 7.19
N GLY A 22 -7.60 26.79 8.36
CA GLY A 22 -6.18 26.43 8.47
C GLY A 22 -5.92 25.00 7.98
N PHE A 23 -4.73 24.78 7.41
CA PHE A 23 -4.26 23.48 6.90
C PHE A 23 -4.38 22.36 7.93
N THR A 24 -3.77 22.53 9.11
CA THR A 24 -3.78 21.59 10.26
C THR A 24 -5.19 21.21 10.69
N PHE A 25 -6.02 22.21 10.97
CA PHE A 25 -7.43 21.98 11.28
C PHE A 25 -8.10 21.18 10.17
N CYS A 26 -7.93 21.58 8.92
CA CYS A 26 -8.43 20.85 7.78
C CYS A 26 -7.87 19.44 7.69
N GLU A 27 -6.61 19.22 8.04
CA GLU A 27 -5.96 17.93 8.09
C GLU A 27 -6.62 17.06 9.15
N MET A 28 -6.48 17.40 10.44
CA MET A 28 -7.05 16.67 11.58
C MET A 28 -8.56 16.39 11.41
N LYS A 29 -9.25 17.25 10.65
CA LYS A 29 -10.64 17.08 10.27
C LYS A 29 -10.84 16.10 9.10
N CYS A 30 -10.22 16.37 7.95
CA CYS A 30 -10.15 15.50 6.76
C CYS A 30 -9.64 14.09 7.04
N ASP A 31 -8.80 13.95 8.06
CA ASP A 31 -8.28 12.71 8.66
C ASP A 31 -9.44 11.87 9.18
N THR A 32 -10.11 12.39 10.21
CA THR A 32 -11.27 11.74 10.81
C THR A 32 -12.49 11.71 9.86
N ASP A 33 -12.62 12.64 8.91
CA ASP A 33 -13.69 12.70 7.89
C ASP A 33 -13.73 11.39 7.11
N CYS A 34 -12.76 11.25 6.22
CA CYS A 34 -12.67 10.09 5.36
C CYS A 34 -11.79 9.04 6.05
N SER A 35 -12.38 8.31 6.99
CA SER A 35 -11.70 7.26 7.74
C SER A 35 -12.69 6.34 8.40
N VAL A 36 -12.54 5.04 8.16
CA VAL A 36 -13.34 4.01 8.78
C VAL A 36 -12.93 3.87 10.26
N LYS A 37 -13.57 2.94 10.96
CA LYS A 37 -13.24 2.58 12.34
C LYS A 37 -12.55 1.22 12.39
N ASP A 38 -11.90 0.96 13.52
CA ASP A 38 -11.32 -0.35 13.82
C ASP A 38 -12.40 -1.44 13.86
N VAL A 39 -11.95 -2.70 13.81
CA VAL A 39 -12.82 -3.88 13.79
C VAL A 39 -12.23 -4.94 14.73
N LYS A 40 -12.21 -4.66 16.04
CA LYS A 40 -11.72 -5.56 17.12
C LYS A 40 -11.68 -4.90 18.52
N GLU A 41 -12.82 -4.94 19.19
CA GLU A 41 -13.00 -4.34 20.53
C GLU A 41 -13.16 -5.41 21.62
N LYS A 42 -12.49 -6.55 21.40
CA LYS A 42 -12.51 -7.70 22.29
C LYS A 42 -11.23 -8.53 22.10
N LEU A 43 -10.11 -7.88 22.44
CA LEU A 43 -8.78 -8.49 22.46
C LEU A 43 -8.83 -9.84 23.18
N GLU A 44 -8.11 -10.82 22.64
CA GLU A 44 -8.04 -12.15 23.24
C GLU A 44 -7.37 -12.05 24.60
N ASN A 45 -7.99 -12.65 25.61
CA ASN A 45 -7.47 -12.73 26.96
C ASN A 45 -8.42 -13.58 27.79
N TYR A 46 -7.87 -14.43 28.66
CA TYR A 46 -8.67 -15.29 29.53
C TYR A 46 -7.75 -15.87 30.60
N LYS A 47 -8.27 -16.04 31.81
CA LYS A 47 -7.55 -16.67 32.92
C LYS A 47 -8.27 -17.95 33.41
N PRO A 48 -7.54 -18.93 33.97
CA PRO A 48 -8.14 -20.13 34.53
C PRO A 48 -8.93 -19.79 35.81
N LYS A 49 -9.53 -20.80 36.42
CA LYS A 49 -10.23 -20.73 37.70
C LYS A 49 -9.63 -21.79 38.62
N ASN A 50 -9.57 -21.47 39.91
CA ASN A 50 -9.24 -22.40 40.99
C ASN A 50 -10.04 -23.71 40.87
N ASP A 1 -0.60 1.07 3.00
CA ASP A 1 -1.29 0.99 1.71
C ASP A 1 -2.04 2.28 1.50
N GLU A 2 -3.00 2.55 2.39
CA GLU A 2 -3.95 3.69 2.32
C GLU A 2 -5.01 3.54 3.42
N ALA A 3 -5.52 2.33 3.65
CA ALA A 3 -6.54 2.07 4.69
C ALA A 3 -6.10 2.56 6.07
N GLN A 4 -4.85 2.23 6.47
CA GLN A 4 -4.24 2.70 7.72
C GLN A 4 -4.36 4.21 7.96
N PHE A 5 -4.37 5.00 6.87
CA PHE A 5 -4.61 6.43 6.84
C PHE A 5 -6.09 6.73 6.70
N LYS A 6 -6.86 6.03 5.85
CA LYS A 6 -8.32 6.19 5.69
C LYS A 6 -9.05 6.00 6.99
N GLU A 7 -8.52 5.12 7.85
CA GLU A 7 -9.01 4.91 9.21
C GLU A 7 -8.64 6.05 10.14
N CYS A 8 -7.40 6.58 9.99
CA CYS A 8 -7.00 7.75 10.76
C CYS A 8 -7.79 8.98 10.35
N TYR A 9 -7.98 9.19 9.04
CA TYR A 9 -8.76 10.31 8.51
C TYR A 9 -10.21 10.26 8.97
N ASP A 10 -10.89 9.12 8.75
CA ASP A 10 -12.30 8.94 9.12
C ASP A 10 -12.47 9.08 10.65
N THR A 11 -11.64 8.32 11.39
CA THR A 11 -11.65 8.30 12.86
C THR A 11 -11.24 9.65 13.44
N CYS A 12 -10.18 10.26 12.91
CA CYS A 12 -9.77 11.61 13.27
C CYS A 12 -10.93 12.54 13.02
N HIS A 13 -11.58 12.47 11.83
CA HIS A 13 -12.78 13.29 11.53
C HIS A 13 -13.87 13.18 12.57
N LYS A 14 -14.01 12.00 13.20
CA LYS A 14 -14.93 11.78 14.33
C LYS A 14 -14.59 12.66 15.52
N GLU A 15 -13.46 12.42 16.19
CA GLU A 15 -12.95 13.27 17.28
C GLU A 15 -12.69 14.73 16.86
N CYS A 16 -12.57 14.97 15.56
CA CYS A 16 -12.41 16.30 15.02
C CYS A 16 -13.74 17.07 14.96
N SER A 17 -14.69 16.53 14.17
CA SER A 17 -16.05 17.11 14.08
C SER A 17 -16.76 17.14 15.43
N ASP A 18 -16.32 16.29 16.38
CA ASP A 18 -16.71 16.34 17.81
C ASP A 18 -16.47 17.72 18.42
N LYS A 19 -15.36 18.39 18.04
CA LYS A 19 -15.11 19.78 18.47
C LYS A 19 -16.18 20.78 18.02
N GLY A 20 -17.11 20.33 17.17
CA GLY A 20 -18.23 21.11 16.62
C GLY A 20 -17.76 22.05 15.52
N ASN A 21 -16.59 21.75 14.93
CA ASN A 21 -16.03 22.53 13.84
C ASN A 21 -16.75 22.23 12.51
N GLY A 22 -16.38 22.97 11.48
CA GLY A 22 -16.86 22.70 10.13
C GLY A 22 -16.22 21.43 9.57
N PHE A 23 -17.04 20.53 9.01
CA PHE A 23 -16.64 19.28 8.36
C PHE A 23 -15.39 19.43 7.50
N THR A 24 -15.43 20.33 6.52
CA THR A 24 -14.34 20.71 5.60
C THR A 24 -13.06 21.03 6.38
N PHE A 25 -13.12 22.02 7.28
CA PHE A 25 -11.99 22.39 8.12
C PHE A 25 -11.45 21.19 8.86
N CYS A 26 -12.35 20.38 9.43
CA CYS A 26 -11.98 19.15 10.07
C CYS A 26 -11.32 18.17 9.13
N GLU A 27 -11.75 18.11 7.87
CA GLU A 27 -11.13 17.30 6.82
C GLU A 27 -9.74 17.81 6.50
N MET A 28 -9.60 19.01 5.90
CA MET A 28 -8.31 19.63 5.53
C MET A 28 -7.29 19.57 6.69
N LYS A 29 -7.80 19.57 7.93
CA LYS A 29 -6.99 19.41 9.13
C LYS A 29 -6.65 17.96 9.41
N CYS A 30 -7.65 17.09 9.62
CA CYS A 30 -7.51 15.63 9.76
C CYS A 30 -6.62 14.99 8.69
N ASP A 31 -6.56 15.61 7.51
CA ASP A 31 -5.68 15.28 6.39
C ASP A 31 -4.22 15.44 6.79
N THR A 32 -3.82 16.68 7.13
CA THR A 32 -2.47 17.00 7.59
C THR A 32 -2.23 16.49 9.03
N ASP A 33 -3.28 16.26 9.83
CA ASP A 33 -3.21 15.76 11.21
C ASP A 33 -2.43 14.44 11.26
N CYS A 34 -3.05 13.38 10.72
CA CYS A 34 -2.46 12.04 10.66
C CYS A 34 -1.50 11.87 9.48
N SER A 35 -0.74 12.94 9.23
CA SER A 35 0.21 13.07 8.14
C SER A 35 1.08 14.34 8.34
N VAL A 36 1.74 14.46 9.50
CA VAL A 36 2.68 15.56 9.78
C VAL A 36 3.84 15.55 8.78
N LYS A 37 4.80 16.44 9.02
CA LYS A 37 6.01 16.51 8.21
C LYS A 37 7.12 17.20 8.98
N ASP A 38 8.31 17.13 8.42
CA ASP A 38 9.49 17.77 8.99
C ASP A 38 10.47 18.11 7.86
N VAL A 39 10.83 19.37 7.73
CA VAL A 39 11.78 19.84 6.71
C VAL A 39 12.96 20.54 7.38
N LYS A 40 13.58 19.86 8.35
CA LYS A 40 14.70 20.41 9.13
C LYS A 40 15.65 21.15 8.20
N GLU A 41 15.72 22.47 8.42
CA GLU A 41 16.51 23.34 7.57
C GLU A 41 17.93 22.81 7.61
N LYS A 42 18.46 22.47 6.43
CA LYS A 42 19.80 21.95 6.26
C LYS A 42 20.74 22.81 7.11
N LEU A 43 21.48 22.17 8.00
CA LEU A 43 22.38 22.90 8.89
C LEU A 43 23.28 23.84 8.08
N GLU A 44 23.29 25.11 8.47
CA GLU A 44 23.97 26.18 7.76
C GLU A 44 24.80 26.94 8.78
N ASN A 45 26.02 27.30 8.40
CA ASN A 45 26.95 28.07 9.25
C ASN A 45 28.28 28.27 8.54
N TYR A 46 28.79 27.18 7.96
CA TYR A 46 30.01 27.11 7.18
C TYR A 46 30.13 28.32 6.26
N LYS A 47 31.26 29.02 6.35
CA LYS A 47 31.53 30.19 5.52
C LYS A 47 32.99 30.61 5.69
N PRO A 48 33.93 29.85 5.09
CA PRO A 48 35.33 30.22 5.14
C PRO A 48 35.55 31.50 4.35
N LYS A 49 36.48 32.33 4.83
CA LYS A 49 36.94 33.53 4.13
C LYS A 49 37.73 33.17 2.86
N ASN A 50 38.20 34.17 2.13
CA ASN A 50 39.07 34.03 0.98
C ASN A 50 40.54 33.84 1.38
N ASP A 1 -0.70 1.15 3.04
CA ASP A 1 -1.31 1.02 1.71
C ASP A 1 -1.77 2.39 1.29
N GLU A 2 -2.65 2.45 0.29
CA GLU A 2 -3.14 3.70 -0.25
C GLU A 2 -4.12 3.42 -1.36
N ALA A 3 -5.37 3.87 -1.21
CA ALA A 3 -6.42 3.68 -2.20
C ALA A 3 -7.78 4.07 -1.63
N GLN A 4 -8.54 3.10 -1.14
CA GLN A 4 -9.83 3.32 -0.50
C GLN A 4 -9.76 4.42 0.56
N PHE A 5 -8.59 4.59 1.18
CA PHE A 5 -8.33 5.65 2.13
C PHE A 5 -7.87 6.93 1.44
N LYS A 6 -6.97 6.85 0.44
CA LYS A 6 -6.53 7.99 -0.36
C LYS A 6 -7.72 8.68 -1.03
N GLU A 7 -8.78 7.93 -1.30
CA GLU A 7 -9.99 8.48 -1.88
C GLU A 7 -10.83 9.11 -0.80
N CYS A 8 -10.83 8.57 0.41
CA CYS A 8 -11.57 9.16 1.51
C CYS A 8 -10.87 10.42 1.96
N TYR A 9 -9.56 10.45 2.08
CA TYR A 9 -8.79 11.61 2.48
C TYR A 9 -8.94 12.73 1.46
N ASP A 10 -8.71 12.43 0.18
CA ASP A 10 -8.82 13.42 -0.88
C ASP A 10 -10.24 13.95 -0.96
N THR A 11 -11.20 13.01 -1.03
CA THR A 11 -12.62 13.35 -1.14
C THR A 11 -13.08 14.07 0.11
N CYS A 12 -12.73 13.56 1.29
CA CYS A 12 -13.04 14.17 2.57
C CYS A 12 -12.50 15.57 2.55
N HIS A 13 -11.26 15.79 2.10
CA HIS A 13 -10.65 17.10 2.00
C HIS A 13 -11.54 18.03 1.21
N LYS A 14 -12.15 17.57 0.12
CA LYS A 14 -13.09 18.35 -0.66
C LYS A 14 -14.20 18.92 0.22
N GLU A 15 -15.08 18.06 0.72
CA GLU A 15 -16.14 18.47 1.64
C GLU A 15 -15.58 19.11 2.92
N CYS A 16 -14.29 18.91 3.19
CA CYS A 16 -13.63 19.48 4.33
C CYS A 16 -13.31 20.92 4.04
N SER A 17 -12.39 21.21 3.12
CA SER A 17 -12.00 22.55 2.71
C SER A 17 -13.23 23.36 2.38
N ASP A 18 -14.34 22.72 1.97
CA ASP A 18 -15.63 23.38 1.78
C ASP A 18 -16.05 24.20 3.00
N LYS A 19 -15.74 23.70 4.20
CA LYS A 19 -15.98 24.41 5.45
C LYS A 19 -15.25 25.74 5.48
N GLY A 20 -14.30 25.95 4.58
CA GLY A 20 -13.50 27.14 4.45
C GLY A 20 -12.40 27.13 5.48
N ASN A 21 -12.08 25.95 6.04
CA ASN A 21 -11.01 25.80 6.99
C ASN A 21 -9.64 25.84 6.31
N GLY A 22 -8.59 25.71 7.13
CA GLY A 22 -7.23 25.64 6.61
C GLY A 22 -6.93 24.27 6.06
N PHE A 23 -6.40 24.20 4.85
CA PHE A 23 -6.01 22.97 4.17
C PHE A 23 -5.38 21.98 5.12
N THR A 24 -4.26 22.37 5.74
CA THR A 24 -3.53 21.55 6.70
C THR A 24 -4.48 20.94 7.72
N PHE A 25 -5.20 21.79 8.45
CA PHE A 25 -6.15 21.35 9.44
C PHE A 25 -7.14 20.37 8.82
N CYS A 26 -7.69 20.70 7.66
CA CYS A 26 -8.57 19.84 6.93
C CYS A 26 -7.88 18.52 6.62
N GLU A 27 -6.59 18.53 6.33
CA GLU A 27 -5.79 17.35 6.07
C GLU A 27 -5.67 16.49 7.31
N MET A 28 -4.99 16.99 8.35
CA MET A 28 -4.82 16.26 9.60
C MET A 28 -6.17 15.75 10.13
N LYS A 29 -7.23 16.55 9.95
CA LYS A 29 -8.56 16.17 10.36
C LYS A 29 -9.08 15.07 9.49
N CYS A 30 -9.27 15.31 8.19
CA CYS A 30 -9.68 14.29 7.23
C CYS A 30 -8.88 12.98 7.40
N ASP A 31 -7.65 13.10 7.92
CA ASP A 31 -6.81 11.98 8.25
C ASP A 31 -7.47 11.10 9.31
N THR A 32 -7.72 11.69 10.49
CA THR A 32 -8.38 11.00 11.57
C THR A 32 -9.87 10.81 11.28
N ASP A 33 -10.45 11.63 10.40
CA ASP A 33 -11.84 11.53 10.01
C ASP A 33 -12.13 10.10 9.55
N CYS A 34 -11.63 9.77 8.35
CA CYS A 34 -11.90 8.50 7.75
C CYS A 34 -10.93 7.50 8.37
N SER A 35 -11.28 6.98 9.52
CA SER A 35 -10.44 6.03 10.22
C SER A 35 -11.21 5.58 11.46
N VAL A 36 -11.03 4.31 11.84
CA VAL A 36 -11.62 3.73 13.04
C VAL A 36 -11.17 4.50 14.29
N LYS A 37 -11.43 3.95 15.45
CA LYS A 37 -10.98 4.52 16.72
C LYS A 37 -11.23 3.55 17.84
N ASP A 38 -11.15 4.06 19.06
CA ASP A 38 -11.44 3.28 20.24
C ASP A 38 -12.92 2.89 20.27
N VAL A 39 -13.29 2.05 21.24
CA VAL A 39 -14.65 1.58 21.38
C VAL A 39 -14.86 1.21 22.83
N LYS A 40 -15.23 2.20 23.66
CA LYS A 40 -15.50 1.99 25.08
C LYS A 40 -16.34 0.73 25.28
N GLU A 41 -16.03 -0.02 26.33
CA GLU A 41 -16.68 -1.27 26.59
C GLU A 41 -17.97 -0.98 27.33
N LYS A 42 -18.88 -1.97 27.34
CA LYS A 42 -20.16 -1.86 28.03
C LYS A 42 -19.89 -1.29 29.41
N LEU A 43 -20.54 -0.16 29.70
CA LEU A 43 -20.42 0.52 30.98
C LEU A 43 -20.45 -0.50 32.13
N GLU A 44 -19.87 -0.13 33.25
CA GLU A 44 -19.87 -1.01 34.39
C GLU A 44 -21.18 -0.91 35.15
N ASN A 45 -21.36 -1.79 36.15
CA ASN A 45 -22.55 -1.84 36.96
C ASN A 45 -23.74 -2.28 36.12
N TYR A 46 -24.54 -3.17 36.67
CA TYR A 46 -25.69 -3.70 35.97
C TYR A 46 -26.95 -3.46 36.79
N LYS A 47 -28.09 -3.78 36.18
CA LYS A 47 -29.37 -3.68 36.88
C LYS A 47 -29.41 -4.62 38.09
N PRO A 48 -30.26 -4.29 39.08
CA PRO A 48 -30.41 -5.11 40.26
C PRO A 48 -31.18 -6.38 39.95
N LYS A 49 -30.85 -7.45 40.67
CA LYS A 49 -31.54 -8.73 40.53
C LYS A 49 -32.52 -8.93 41.68
N ASN A 50 -33.49 -9.82 41.48
CA ASN A 50 -34.50 -10.18 42.48
C ASN A 50 -34.88 -11.67 42.38
N ASP A 1 -0.85 1.14 3.10
CA ASP A 1 -1.31 1.17 1.69
C ASP A 1 -0.15 0.91 0.73
N GLU A 2 0.92 1.71 0.85
CA GLU A 2 2.12 1.48 0.03
C GLU A 2 2.77 0.09 0.18
N ALA A 3 2.70 -0.52 1.38
CA ALA A 3 3.23 -1.87 1.64
C ALA A 3 2.75 -2.91 0.61
N GLN A 4 1.44 -2.98 0.31
CA GLN A 4 0.82 -3.79 -0.76
C GLN A 4 1.45 -3.64 -2.17
N PHE A 5 2.01 -2.47 -2.45
CA PHE A 5 2.82 -2.20 -3.63
C PHE A 5 4.29 -2.52 -3.38
N LYS A 6 4.86 -2.12 -2.24
CA LYS A 6 6.26 -2.39 -1.84
C LYS A 6 6.58 -3.87 -1.80
N GLU A 7 5.60 -4.66 -1.40
CA GLU A 7 5.67 -6.12 -1.46
C GLU A 7 5.67 -6.61 -2.92
N CYS A 8 4.80 -6.03 -3.75
CA CYS A 8 4.63 -6.38 -5.14
C CYS A 8 5.92 -5.99 -5.88
N TYR A 9 6.43 -4.80 -5.66
CA TYR A 9 7.70 -4.36 -6.20
C TYR A 9 8.89 -5.22 -5.78
N ASP A 10 9.13 -5.44 -4.49
CA ASP A 10 10.22 -6.29 -3.98
C ASP A 10 10.12 -7.74 -4.51
N THR A 11 8.95 -8.34 -4.34
CA THR A 11 8.60 -9.71 -4.76
C THR A 11 8.57 -9.90 -6.28
N CYS A 12 7.97 -8.95 -7.01
CA CYS A 12 8.08 -8.87 -8.47
C CYS A 12 9.55 -8.73 -8.84
N HIS A 13 10.34 -7.91 -8.15
CA HIS A 13 11.79 -7.86 -8.38
C HIS A 13 12.54 -9.18 -8.20
N LYS A 14 12.09 -10.00 -7.24
CA LYS A 14 12.53 -11.38 -7.08
C LYS A 14 12.23 -12.22 -8.33
N GLU A 15 10.96 -12.45 -8.70
CA GLU A 15 10.58 -13.18 -9.94
C GLU A 15 11.10 -12.54 -11.26
N CYS A 16 11.31 -11.23 -11.25
CA CYS A 16 11.80 -10.49 -12.41
C CYS A 16 13.32 -10.70 -12.64
N SER A 17 14.09 -10.39 -11.58
CA SER A 17 15.53 -10.66 -11.58
C SER A 17 15.87 -12.17 -11.56
N ASP A 18 14.98 -13.03 -11.07
CA ASP A 18 15.00 -14.51 -11.18
C ASP A 18 15.13 -14.97 -12.63
N LYS A 19 14.40 -14.31 -13.55
CA LYS A 19 14.54 -14.57 -14.98
C LYS A 19 15.95 -14.33 -15.55
N GLY A 20 16.85 -13.75 -14.73
CA GLY A 20 18.25 -13.44 -15.02
C GLY A 20 18.44 -12.07 -15.68
N ASN A 21 17.40 -11.22 -15.60
CA ASN A 21 17.42 -9.88 -16.17
C ASN A 21 18.33 -8.92 -15.35
N GLY A 22 18.52 -7.71 -15.86
CA GLY A 22 19.26 -6.67 -15.14
C GLY A 22 18.41 -6.10 -13.99
N PHE A 23 18.93 -6.11 -12.75
CA PHE A 23 18.30 -5.55 -11.52
C PHE A 23 17.52 -4.23 -11.77
N THR A 24 18.20 -3.16 -12.19
CA THR A 24 17.62 -1.84 -12.59
C THR A 24 16.48 -1.93 -13.61
N PHE A 25 16.74 -2.58 -14.76
CA PHE A 25 15.75 -2.83 -15.82
C PHE A 25 14.50 -3.53 -15.28
N CYS A 26 14.74 -4.56 -14.46
CA CYS A 26 13.72 -5.28 -13.74
C CYS A 26 12.94 -4.38 -12.80
N GLU A 27 13.61 -3.47 -12.09
CA GLU A 27 12.97 -2.47 -11.24
C GLU A 27 12.03 -1.57 -12.06
N MET A 28 12.56 -0.84 -13.04
CA MET A 28 11.83 0.08 -13.94
C MET A 28 10.59 -0.57 -14.60
N LYS A 29 10.65 -1.88 -14.77
CA LYS A 29 9.55 -2.71 -15.22
C LYS A 29 8.59 -3.10 -14.09
N CYS A 30 9.08 -3.73 -13.02
CA CYS A 30 8.41 -4.06 -11.72
C CYS A 30 7.62 -2.90 -11.08
N ASP A 31 8.06 -1.68 -11.36
CA ASP A 31 7.41 -0.39 -11.08
C ASP A 31 6.04 -0.29 -11.78
N THR A 32 6.09 -0.27 -13.11
CA THR A 32 4.91 -0.29 -13.97
C THR A 32 4.21 -1.69 -14.03
N ASP A 33 4.83 -2.79 -13.57
CA ASP A 33 4.25 -4.15 -13.53
C ASP A 33 3.02 -4.19 -12.61
N CYS A 34 3.27 -4.02 -11.31
CA CYS A 34 2.26 -4.01 -10.24
C CYS A 34 1.53 -2.64 -10.09
N SER A 35 1.40 -1.98 -11.26
CA SER A 35 0.73 -0.70 -11.37
C SER A 35 0.03 -0.56 -12.74
N VAL A 36 -1.09 0.15 -12.84
CA VAL A 36 -1.73 0.46 -14.12
C VAL A 36 -1.07 1.69 -14.79
N LYS A 37 -1.52 2.05 -15.99
CA LYS A 37 -1.05 3.22 -16.75
C LYS A 37 -2.11 3.75 -17.72
N ASP A 38 -1.76 4.77 -18.49
CA ASP A 38 -2.58 5.39 -19.55
C ASP A 38 -2.31 4.75 -20.92
N VAL A 39 -3.26 3.99 -21.46
CA VAL A 39 -3.19 3.32 -22.78
C VAL A 39 -4.14 4.00 -23.77
N LYS A 40 -3.85 5.27 -24.09
CA LYS A 40 -4.67 6.04 -25.03
C LYS A 40 -4.90 5.30 -26.36
N GLU A 41 -6.18 5.11 -26.68
CA GLU A 41 -6.73 4.31 -27.82
C GLU A 41 -7.61 5.18 -28.74
N LYS A 42 -7.24 6.46 -28.79
CA LYS A 42 -7.78 7.48 -29.68
C LYS A 42 -6.67 7.99 -30.60
N LEU A 43 -6.13 7.02 -31.36
CA LEU A 43 -5.24 7.28 -32.48
C LEU A 43 -5.85 8.31 -33.45
N GLU A 44 -5.00 8.88 -34.30
CA GLU A 44 -5.44 9.84 -35.32
C GLU A 44 -6.57 9.31 -36.22
N ASN A 45 -7.28 10.26 -36.84
CA ASN A 45 -8.49 9.95 -37.64
C ASN A 45 -8.83 11.05 -38.66
N TYR A 46 -8.81 12.28 -38.14
CA TYR A 46 -8.96 13.56 -38.84
C TYR A 46 -8.22 13.52 -40.18
N LYS A 47 -9.00 13.39 -41.26
CA LYS A 47 -8.46 13.31 -42.61
C LYS A 47 -8.45 14.71 -43.25
N PRO A 48 -7.52 14.99 -44.18
CA PRO A 48 -7.53 16.24 -44.91
C PRO A 48 -8.78 16.32 -45.80
N LYS A 49 -9.05 17.53 -46.32
CA LYS A 49 -10.10 17.86 -47.28
C LYS A 49 -9.49 18.57 -48.50
N ASN A 50 -10.16 18.45 -49.63
CA ASN A 50 -9.90 19.06 -50.94
C ASN A 50 -11.27 19.08 -51.65
N ASP A 1 -0.74 1.13 3.05
CA ASP A 1 -1.34 1.05 1.71
C ASP A 1 -0.31 1.56 0.72
N GLU A 2 -0.67 1.60 -0.55
CA GLU A 2 0.17 2.04 -1.66
C GLU A 2 -0.53 3.20 -2.36
N ALA A 3 0.07 4.38 -2.39
CA ALA A 3 -0.51 5.57 -3.06
C ALA A 3 0.22 6.82 -2.62
N GLN A 4 -0.32 7.54 -1.65
CA GLN A 4 0.31 8.75 -1.11
C GLN A 4 1.79 8.52 -0.76
N PHE A 5 2.10 7.27 -0.40
CA PHE A 5 3.44 6.81 -0.08
C PHE A 5 4.20 6.45 -1.33
N LYS A 6 3.59 5.67 -2.22
CA LYS A 6 4.22 5.29 -3.50
C LYS A 6 4.62 6.53 -4.28
N GLU A 7 3.88 7.62 -4.11
CA GLU A 7 4.17 8.90 -4.74
C GLU A 7 5.28 9.61 -4.02
N CYS A 8 5.34 9.51 -2.69
CA CYS A 8 6.45 10.06 -1.94
C CYS A 8 7.73 9.29 -2.22
N TYR A 9 7.69 7.97 -2.24
CA TYR A 9 8.85 7.13 -2.53
C TYR A 9 9.39 7.37 -3.93
N ASP A 10 8.52 7.29 -4.95
CA ASP A 10 8.91 7.51 -6.34
C ASP A 10 9.46 8.92 -6.52
N THR A 11 8.69 9.90 -6.05
CA THR A 11 9.03 11.32 -6.16
C THR A 11 10.26 11.65 -5.34
N CYS A 12 10.31 11.18 -4.10
CA CYS A 12 11.48 11.30 -3.23
C CYS A 12 12.67 10.71 -3.95
N HIS A 13 12.53 9.53 -4.59
CA HIS A 13 13.60 8.93 -5.38
C HIS A 13 14.11 9.86 -6.47
N LYS A 14 13.20 10.59 -7.13
CA LYS A 14 13.56 11.61 -8.10
C LYS A 14 14.47 12.64 -7.47
N GLU A 15 13.98 13.48 -6.55
CA GLU A 15 14.81 14.47 -5.84
C GLU A 15 16.03 13.84 -5.10
N CYS A 16 15.91 12.58 -4.72
CA CYS A 16 16.95 11.85 -4.03
C CYS A 16 18.08 11.54 -5.02
N SER A 17 17.80 10.65 -5.97
CA SER A 17 18.76 10.28 -7.01
C SER A 17 19.16 11.50 -7.85
N ASP A 18 18.30 12.53 -7.90
CA ASP A 18 18.58 13.84 -8.53
C ASP A 18 19.80 14.49 -7.91
N LYS A 19 19.97 14.35 -6.60
CA LYS A 19 21.16 14.83 -5.91
C LYS A 19 22.44 14.16 -6.40
N GLY A 20 22.30 13.09 -7.20
CA GLY A 20 23.38 12.34 -7.82
C GLY A 20 23.77 11.14 -6.95
N ASN A 21 22.86 10.71 -6.08
CA ASN A 21 23.09 9.62 -5.16
C ASN A 21 22.94 8.28 -5.90
N GLY A 22 23.18 7.19 -5.16
CA GLY A 22 22.99 5.87 -5.75
C GLY A 22 21.53 5.47 -5.68
N PHE A 23 20.95 5.05 -6.80
CA PHE A 23 19.57 4.57 -6.90
C PHE A 23 19.17 3.73 -5.69
N THR A 24 19.84 2.60 -5.49
CA THR A 24 19.58 1.66 -4.39
C THR A 24 19.60 2.37 -3.05
N PHE A 25 20.73 3.00 -2.73
CA PHE A 25 20.88 3.74 -1.50
C PHE A 25 19.77 4.78 -1.32
N CYS A 26 19.42 5.43 -2.42
CA CYS A 26 18.35 6.40 -2.49
C CYS A 26 17.03 5.75 -2.12
N GLU A 27 16.80 4.52 -2.57
CA GLU A 27 15.65 3.73 -2.19
C GLU A 27 15.64 3.46 -0.69
N MET A 28 16.60 2.71 -0.15
CA MET A 28 16.68 2.40 1.28
C MET A 28 16.53 3.64 2.17
N LYS A 29 16.90 4.79 1.62
CA LYS A 29 16.75 6.09 2.25
C LYS A 29 15.36 6.65 2.08
N CYS A 30 14.94 6.96 0.84
CA CYS A 30 13.59 7.39 0.48
C CYS A 30 12.50 6.55 1.13
N ASP A 31 12.82 5.28 1.40
CA ASP A 31 12.00 4.33 2.12
C ASP A 31 11.73 4.84 3.51
N THR A 32 12.80 4.97 4.30
CA THR A 32 12.72 5.48 5.67
C THR A 32 12.37 6.98 5.71
N ASP A 33 12.70 7.72 4.65
CA ASP A 33 12.41 9.15 4.50
C ASP A 33 10.91 9.38 4.69
N CYS A 34 10.14 8.98 3.67
CA CYS A 34 8.71 9.17 3.69
C CYS A 34 8.08 7.87 4.18
N SER A 35 8.08 7.66 5.50
CA SER A 35 7.55 6.46 6.14
C SER A 35 7.52 6.60 7.67
N VAL A 36 6.36 6.98 8.17
CA VAL A 36 6.21 7.15 9.60
C VAL A 36 6.10 5.78 10.26
N LYS A 37 5.85 5.79 11.57
CA LYS A 37 5.61 4.54 12.30
C LYS A 37 4.50 3.72 11.65
N ASP A 38 4.61 2.40 11.80
CA ASP A 38 3.65 1.47 11.24
C ASP A 38 2.64 1.08 12.30
N VAL A 39 1.36 1.16 11.97
CA VAL A 39 0.27 0.81 12.87
C VAL A 39 -0.54 -0.34 12.26
N LYS A 40 0.12 -1.49 12.09
CA LYS A 40 -0.54 -2.65 11.50
C LYS A 40 -1.93 -2.86 12.13
N GLU A 41 -2.87 -3.29 11.30
CA GLU A 41 -4.23 -3.53 11.77
C GLU A 41 -4.28 -4.78 12.64
N LYS A 42 -5.39 -4.91 13.38
CA LYS A 42 -5.63 -6.07 14.23
C LYS A 42 -5.78 -7.32 13.35
N LEU A 43 -4.69 -8.03 13.15
CA LEU A 43 -4.62 -9.23 12.31
C LEU A 43 -5.82 -10.12 12.63
N GLU A 44 -6.56 -10.49 11.60
CA GLU A 44 -7.75 -11.30 11.78
C GLU A 44 -7.35 -12.78 11.87
N ASN A 45 -8.29 -13.61 12.33
CA ASN A 45 -8.10 -15.05 12.40
C ASN A 45 -9.36 -15.77 11.96
N TYR A 46 -10.44 -15.53 12.71
CA TYR A 46 -11.71 -16.19 12.49
C TYR A 46 -12.83 -15.32 13.04
N LYS A 47 -14.03 -15.49 12.48
CA LYS A 47 -15.22 -14.78 12.92
C LYS A 47 -16.47 -15.58 12.55
N PRO A 48 -16.81 -16.59 13.36
CA PRO A 48 -17.98 -17.40 13.09
C PRO A 48 -19.25 -16.59 13.35
N LYS A 49 -20.30 -16.91 12.60
CA LYS A 49 -21.62 -16.29 12.79
C LYS A 49 -22.29 -16.73 14.09
N ASN A 50 -21.91 -17.90 14.60
CA ASN A 50 -22.37 -18.51 15.85
C ASN A 50 -21.22 -18.73 16.84
#